data_6MU7
#
_entry.id   6MU7
#
_cell.length_a   131.510
_cell.length_b   131.510
_cell.length_c   314.340
_cell.angle_alpha   90.000
_cell.angle_beta   90.000
_cell.angle_gamma   120.000
#
_symmetry.space_group_name_H-M   'P 63'
#
loop_
_entity.id
_entity.type
_entity.pdbx_description
1 polymer 'Envelope glycoprotein gp160'
2 polymer '35O22 scFv heavy chain portion'
3 polymer '35O22 scFv light chain portion'
4 polymer 'Envelope glycoprotein gp160'
5 polymer '3H109L Fab heavy chain'
6 polymer '3H109L Fab light chain'
7 branched alpha-D-mannopyranose-(1-3)-alpha-D-mannopyranose-(1-6)-[alpha-D-mannopyranose-(1-3)]beta-D-mannopyranose-(1-4)-2-acetamido-2-deoxy-beta-D-glucopyranose-(1-4)-2-acetamido-2-deoxy-beta-D-glucopyranose
8 branched beta-D-mannopyranose-(1-4)-2-acetamido-2-deoxy-beta-D-glucopyranose-(1-4)-2-acetamido-2-deoxy-beta-D-glucopyranose
9 branched 2-acetamido-2-deoxy-beta-D-glucopyranose-(1-4)-2-acetamido-2-deoxy-beta-D-glucopyranose
10 branched alpha-D-mannopyranose-(1-2)-alpha-D-mannopyranose-(1-2)-alpha-D-mannopyranose-(1-3)-[alpha-D-mannopyranose-(1-2)-alpha-D-mannopyranose-(1-6)-[alpha-D-mannopyranose-(1-3)]alpha-D-mannopyranose-(1-6)]beta-D-mannopyranose-(1-4)-2-acetamido-2-deoxy-beta-D-glucopyranose-(1-4)-2-acetamido-2-deoxy-beta-D-glucopyranose
11 non-polymer 2-acetamido-2-deoxy-beta-D-glucopyranose
12 non-polymer 4-{3-[{4-[(R)-cyano(phenyl)methyl]piperidin-1-yl}(oxo)acetyl]-4-methoxy-1H-pyrrolo[2,3-c]pyridin-7-yl}-N-(2-hydroxyethyl)-1,3-thiazole-2-carboxamide
13 water water
#
loop_
_entity_poly.entity_id
_entity_poly.type
_entity_poly.pdbx_seq_one_letter_code
_entity_poly.pdbx_strand_id
1 'polypeptide(L)'
;AVGIGAVFLGFLGAAGSTMGAASMTLTVQARNLLSGIVQQQSNLLRAPEAQQHLLKLTVWGIKQLQARVLAVERYLRDQQ
LLGIWGCSGKLICCTNVPWNSSWSNRNLSEIWDNMTWLQWDKEISNYTQIIYGLLEESQNQQEKNEQDLLALD
;
B
2 'polypeptide(L)'
;QGQLVQSGATTTKPGSSVKISCKTSGYRFNFYHINWIRQTAGRGPEWMGWISPYSGDKNLAPAFQDRVNMTTDTEVPVTS
FTSTGAAYMEIRNLTSDDTGTYFCAKGLLRDGSSTWLPYLWGQGTLLTVSSAST
;
D
3 'polypeptide(L)'
;SQSVLTQSASVSGSLGQSVTISCTGPNSVCCSHKSISWYQWPPGRAPTLIIYEDNERAPGISPRFSGYKSYWSAYLTISD
LRPEDETTYYCCSYTHNSGCVFGTGTKVSVLGQS
;
E
4 'polypeptide(L)'
;AENLWVTVYYGVPVWKDAETTLFCASDAKAYETEKHNVWATHACVPTDPNPQEIHLENVTEEFNMWKNNMVEQMHTDIIS
LWDQSLKPCVKLTPLCVTLQCTNVTNAITDDMRGELKNCSFNMTTELRDKKQKVYSLFYRLDVVQINENQGNRSNNSNKE
YRLINCNTSAITQACPKVSFEPIPIHYCAPAGFAILKCKDKKFNGTGPCPSVSTVQCTHGIKPVVSTQLLLNGSLAEEEV
MIRSENITNNAKNILVQFNTPVQINCTRPNNNTRKSIRIGPGQAFYATGDIIGDIRQAHCNVSKATWNETLGKVVKQLRK
HFGNNTIIRFANSSGGDLEVTTHSFNCGGEFFYCNTSGLFNSTWISNTSVQGSNSTGSNDSITLPCRIKQIINMWQRIGQ
AMYAPPIQGVIRCVSNITGLILTRDGGSTNSTTETFRPGGGDMRDNWRSELYKYKVVKIEPLGVAPTRCKRRVVGRRRRR
R
;
G
5 'polypeptide(L)'
;QVQLQESGPGLVKPSETLSLTCTVSGGSISNYYWSWIRQSPGKGLEWIGYISDSESTNYNPSLKSRVIISVDTSKNQLSL
KLNSVTAADSAIYYCARAQQGKRIYGMVSFGEFFYYYYMDVWGKGTTVTVSSASTKGPSVFPLAPSSKSTSGGTAALGCL
VKDYFPEPVTVSWNSGALTSGVHTFPAVLQSSGLYSLSSVVTVPSSSLGTQTYICNVNHKPSNTKVDKKVEPKSCDKGLE
VLFQ
;
H
6 'polypeptide(L)'
;SVTSYVRPLSVALGETASISCGRQALGSRAVQWYQHRPGQAPILLIYNNQDRPSGIPERFSGTPDINFGTRATLTISGVE
AGDEADYYCHMWDSRSGFSWSFGGATRLTVLGQPKAAPSVTLFPPSSEELQANKATLVCLISDFYPGAVTVAWKADSSPV
KAGVETTTPSKQSNNKYAASSYLSLTPMQWKMHKSYSCQVTHEGSTVEKTVAPTECS
;
L
#
# COMPACT_ATOMS: atom_id res chain seq x y z
N ALA A 6 -46.89 -3.23 19.65
CA ALA A 6 -46.75 -2.45 20.87
C ALA A 6 -45.39 -1.76 20.93
N VAL A 7 -44.67 -1.95 22.03
CA VAL A 7 -43.37 -1.31 22.23
C VAL A 7 -42.26 -2.29 21.87
N PHE A 8 -41.96 -3.22 22.78
CA PHE A 8 -40.88 -4.20 22.61
C PHE A 8 -39.55 -3.50 22.39
N LEU A 9 -38.90 -3.08 23.47
CA LEU A 9 -37.64 -2.35 23.35
C LEU A 9 -36.49 -3.28 23.00
N GLY A 10 -36.53 -4.53 23.46
CA GLY A 10 -35.50 -5.51 23.20
C GLY A 10 -34.72 -5.85 24.46
N PHE A 11 -33.72 -6.71 24.27
CA PHE A 11 -32.87 -7.15 25.38
C PHE A 11 -32.22 -5.95 26.06
N LEU A 12 -32.49 -5.79 27.36
CA LEU A 12 -32.06 -4.64 28.14
C LEU A 12 -32.60 -3.33 27.60
N GLY A 13 -33.63 -3.39 26.74
CA GLY A 13 -34.12 -2.18 26.11
C GLY A 13 -34.69 -1.17 27.08
N ALA A 14 -35.20 -1.64 28.22
CA ALA A 14 -35.73 -0.78 29.27
C ALA A 14 -34.76 -0.62 30.43
N ALA A 15 -33.46 -0.62 30.15
CA ALA A 15 -32.47 -0.43 31.21
C ALA A 15 -32.52 0.98 31.78
N GLY A 16 -32.88 1.96 30.97
CA GLY A 16 -33.02 3.33 31.41
C GLY A 16 -34.44 3.74 31.75
N SER A 17 -35.40 2.84 31.60
CA SER A 17 -36.78 3.13 31.94
C SER A 17 -36.99 2.99 33.45
N THR A 18 -38.16 3.41 33.91
CA THR A 18 -38.51 3.30 35.31
C THR A 18 -38.61 1.85 35.74
N MET A 19 -38.48 1.61 37.05
CA MET A 19 -38.54 0.24 37.56
C MET A 19 -39.87 -0.42 37.25
N GLY A 20 -40.96 0.34 37.29
CA GLY A 20 -42.26 -0.24 36.97
C GLY A 20 -42.39 -0.58 35.51
N ALA A 21 -41.83 0.23 34.63
CA ALA A 21 -41.89 -0.05 33.20
C ALA A 21 -40.98 -1.21 32.83
N ALA A 22 -39.80 -1.28 33.45
CA ALA A 22 -38.92 -2.42 33.23
C ALA A 22 -39.50 -3.70 33.82
N SER A 23 -40.35 -3.58 34.85
CA SER A 23 -40.99 -4.72 35.50
C SER A 23 -42.10 -5.33 34.68
N MET A 24 -42.22 -4.94 33.41
CA MET A 24 -43.22 -5.52 32.52
C MET A 24 -42.58 -6.25 31.34
N THR A 25 -41.25 -6.28 31.26
CA THR A 25 -40.50 -6.92 30.18
C THR A 25 -39.36 -7.76 30.75
N LEU A 26 -39.68 -8.59 31.74
CA LEU A 26 -38.65 -9.41 32.37
C LEU A 26 -38.35 -10.66 31.57
N THR A 27 -39.34 -11.19 30.83
CA THR A 27 -39.08 -12.32 29.95
C THR A 27 -38.06 -11.96 28.87
N VAL A 28 -37.96 -10.67 28.53
CA VAL A 28 -37.03 -10.23 27.49
C VAL A 28 -35.59 -10.51 27.91
N GLN A 29 -35.29 -10.34 29.19
CA GLN A 29 -33.96 -10.66 29.70
C GLN A 29 -33.84 -12.11 30.16
N ALA A 30 -34.94 -12.72 30.59
CA ALA A 30 -34.87 -14.05 31.16
C ALA A 30 -34.46 -15.10 30.13
N ARG A 31 -34.90 -14.93 28.89
CA ARG A 31 -34.66 -15.95 27.86
C ARG A 31 -33.24 -15.90 27.30
N ASN A 32 -32.55 -14.77 27.44
CA ASN A 32 -31.20 -14.62 26.93
C ASN A 32 -30.13 -14.90 27.98
N LEU A 33 -30.51 -15.48 29.12
CA LEU A 33 -29.54 -15.78 30.17
C LEU A 33 -28.83 -17.11 29.96
N LEU A 34 -29.21 -17.88 28.95
CA LEU A 34 -28.58 -19.16 28.69
C LEU A 34 -28.35 -19.46 27.22
N SER A 35 -28.97 -18.72 26.30
CA SER A 35 -28.82 -18.99 24.88
C SER A 35 -27.78 -18.05 24.26
N GLY A 36 -27.94 -17.75 22.97
CA GLY A 36 -27.00 -16.93 22.25
C GLY A 36 -26.40 -17.68 21.07
N ILE A 37 -25.07 -17.86 21.08
CA ILE A 37 -24.40 -18.66 20.07
C ILE A 37 -23.27 -19.44 20.73
N VAL A 38 -23.21 -19.36 22.06
CA VAL A 38 -22.13 -19.98 22.84
C VAL A 38 -22.05 -21.48 22.57
N HIS A 53 -19.65 -29.13 16.15
CA HIS A 53 -20.31 -29.70 17.33
C HIS A 53 -19.34 -30.54 18.14
N LEU A 54 -18.16 -30.81 17.58
CA LEU A 54 -17.12 -31.52 18.31
C LEU A 54 -16.35 -30.55 19.21
N LEU A 55 -15.70 -31.11 20.22
CA LEU A 55 -14.88 -30.34 21.15
C LEU A 55 -13.42 -30.47 20.72
N LYS A 56 -12.99 -29.56 19.85
CA LYS A 56 -11.59 -29.45 19.49
C LYS A 56 -10.94 -28.43 20.41
N LEU A 57 -9.85 -28.82 21.05
CA LEU A 57 -9.22 -27.96 22.08
C LEU A 57 -8.20 -27.01 21.46
N THR A 58 -8.63 -26.24 20.47
CA THR A 58 -7.82 -25.17 19.93
C THR A 58 -7.99 -23.91 20.78
N VAL A 59 -7.27 -22.85 20.40
CA VAL A 59 -7.36 -21.59 21.15
C VAL A 59 -8.79 -21.07 21.13
N TRP A 60 -9.50 -21.23 20.01
CA TRP A 60 -10.90 -20.84 19.98
C TRP A 60 -11.81 -21.89 20.62
N GLY A 61 -11.40 -23.16 20.59
CA GLY A 61 -12.22 -24.20 21.17
C GLY A 61 -12.23 -24.17 22.69
N ILE A 62 -11.05 -24.01 23.29
CA ILE A 62 -10.97 -23.85 24.74
C ILE A 62 -11.73 -22.59 25.16
N LYS A 63 -11.59 -21.52 24.39
CA LYS A 63 -12.28 -20.26 24.69
C LYS A 63 -13.79 -20.45 24.69
N GLN A 64 -14.31 -21.20 23.72
CA GLN A 64 -15.76 -21.37 23.61
C GLN A 64 -16.29 -22.31 24.70
N LEU A 65 -15.51 -23.34 25.05
CA LEU A 65 -15.95 -24.27 26.08
C LEU A 65 -16.13 -23.57 27.42
N GLN A 66 -15.16 -22.74 27.80
CA GLN A 66 -15.31 -21.94 29.00
C GLN A 66 -16.53 -21.03 28.92
N ALA A 67 -16.76 -20.43 27.75
CA ALA A 67 -17.94 -19.59 27.58
C ALA A 67 -19.22 -20.39 27.77
N ARG A 68 -19.19 -21.69 27.48
CA ARG A 68 -20.38 -22.53 27.66
C ARG A 68 -20.59 -22.88 29.12
N VAL A 69 -19.54 -23.32 29.81
CA VAL A 69 -19.67 -23.69 31.21
C VAL A 69 -19.96 -22.47 32.07
N LEU A 70 -19.41 -21.30 31.70
CA LEU A 70 -19.63 -20.09 32.49
C LEU A 70 -21.10 -19.66 32.45
N ALA A 71 -21.78 -19.87 31.33
CA ALA A 71 -23.17 -19.43 31.22
C ALA A 71 -24.08 -20.26 32.12
N VAL A 72 -23.97 -21.58 32.05
CA VAL A 72 -24.81 -22.44 32.87
C VAL A 72 -24.50 -22.25 34.35
N GLU A 73 -23.22 -22.05 34.69
CA GLU A 73 -22.85 -21.84 36.09
C GLU A 73 -23.56 -20.63 36.67
N ARG A 74 -23.43 -19.48 36.02
CA ARG A 74 -24.05 -18.26 36.52
C ARG A 74 -25.58 -18.34 36.47
N TYR A 75 -26.12 -19.03 35.47
CA TYR A 75 -27.57 -19.18 35.36
C TYR A 75 -28.12 -19.96 36.55
N LEU A 76 -27.44 -21.03 36.95
CA LEU A 76 -27.96 -21.87 38.02
C LEU A 76 -27.78 -21.23 39.39
N ARG A 77 -26.73 -20.42 39.58
CA ARG A 77 -26.56 -19.73 40.85
C ARG A 77 -27.72 -18.79 41.12
N ASP A 78 -28.28 -18.17 40.07
CA ASP A 78 -29.45 -17.32 40.27
C ASP A 78 -30.70 -18.16 40.52
N GLN A 79 -30.81 -19.31 39.85
CA GLN A 79 -31.95 -20.20 40.09
C GLN A 79 -31.85 -20.89 41.44
N GLN A 80 -30.63 -21.07 41.96
CA GLN A 80 -30.46 -21.66 43.28
C GLN A 80 -31.02 -20.74 44.36
N LEU A 81 -30.65 -19.45 44.32
CA LEU A 81 -31.22 -18.48 45.25
C LEU A 81 -32.73 -18.38 45.07
N LEU A 82 -33.20 -18.37 43.82
CA LEU A 82 -34.62 -18.33 43.54
C LEU A 82 -35.35 -19.55 44.10
N GLY A 83 -34.65 -20.68 44.27
CA GLY A 83 -35.27 -21.87 44.83
C GLY A 83 -35.35 -21.84 46.35
N ILE A 84 -34.25 -21.47 47.01
CA ILE A 84 -34.25 -21.40 48.47
C ILE A 84 -35.09 -20.24 49.00
N TRP A 85 -35.70 -19.43 48.14
CA TRP A 85 -36.65 -18.39 48.54
C TRP A 85 -38.10 -18.76 48.26
N GLY A 86 -38.32 -19.93 47.68
CA GLY A 86 -39.64 -20.35 47.29
C GLY A 86 -40.17 -19.65 46.06
N CYS A 87 -39.29 -19.24 45.16
CA CYS A 87 -39.65 -18.48 43.97
C CYS A 87 -39.25 -19.21 42.70
N SER A 88 -39.23 -20.54 42.76
CA SER A 88 -38.78 -21.34 41.63
C SER A 88 -39.71 -21.13 40.43
N GLY A 89 -39.10 -20.85 39.28
CA GLY A 89 -39.87 -20.62 38.07
C GLY A 89 -40.78 -19.41 38.13
N LYS A 90 -40.34 -18.34 38.80
CA LYS A 90 -41.13 -17.13 38.95
C LYS A 90 -40.33 -15.94 38.45
N LEU A 91 -41.05 -14.96 37.88
CA LEU A 91 -40.46 -13.68 37.52
C LEU A 91 -40.81 -12.58 38.52
N ILE A 92 -42.01 -12.65 39.08
CA ILE A 92 -42.44 -11.73 40.13
C ILE A 92 -43.10 -12.54 41.24
N CYS A 93 -42.32 -12.88 42.27
CA CYS A 93 -42.85 -13.56 43.44
C CYS A 93 -42.86 -12.61 44.63
N CYS A 94 -43.87 -12.74 45.47
CA CYS A 94 -43.98 -11.93 46.68
C CYS A 94 -43.56 -12.74 47.89
N THR A 95 -43.05 -12.06 48.90
CA THR A 95 -42.46 -12.72 50.06
C THR A 95 -43.17 -12.29 51.33
N ASN A 96 -42.67 -12.77 52.46
CA ASN A 96 -43.16 -12.39 53.77
C ASN A 96 -42.11 -11.62 54.58
N VAL A 97 -41.10 -11.08 53.90
CA VAL A 97 -40.04 -10.30 54.55
C VAL A 97 -40.42 -8.83 54.44
N PRO A 98 -40.79 -8.16 55.53
CA PRO A 98 -41.16 -6.74 55.45
C PRO A 98 -39.97 -5.87 55.11
N TRP A 99 -40.27 -4.69 54.59
CA TRP A 99 -39.23 -3.76 54.11
C TRP A 99 -38.76 -2.89 55.27
N ASN A 100 -37.62 -3.26 55.86
CA ASN A 100 -36.97 -2.43 56.86
C ASN A 100 -36.60 -1.10 56.22
N SER A 101 -37.23 -0.01 56.68
CA SER A 101 -37.06 1.29 56.02
C SER A 101 -35.62 1.78 56.05
N SER A 102 -34.77 1.21 56.92
CA SER A 102 -33.36 1.56 56.89
C SER A 102 -32.68 1.12 55.60
N TRP A 103 -33.28 0.17 54.88
CA TRP A 103 -32.78 -0.21 53.57
C TRP A 103 -32.95 0.94 52.57
N SER A 104 -34.18 1.45 52.45
CA SER A 104 -34.44 2.63 51.63
C SER A 104 -35.76 3.24 52.07
N ASN A 105 -35.71 4.46 52.60
CA ASN A 105 -36.89 5.16 53.07
C ASN A 105 -37.68 5.80 51.93
N ARG A 106 -37.30 5.58 50.68
CA ARG A 106 -38.04 6.12 49.56
C ARG A 106 -39.44 5.52 49.50
N ASN A 107 -40.38 6.31 49.01
CA ASN A 107 -41.77 5.88 48.90
C ASN A 107 -41.97 5.12 47.59
N LEU A 108 -43.13 4.45 47.48
CA LEU A 108 -43.40 3.60 46.32
C LEU A 108 -43.47 4.42 45.04
N SER A 109 -44.17 5.55 45.07
CA SER A 109 -44.34 6.32 43.85
C SER A 109 -43.02 6.88 43.34
N GLU A 110 -42.11 7.24 44.24
CA GLU A 110 -40.80 7.75 43.87
C GLU A 110 -39.78 6.65 43.66
N ILE A 111 -40.21 5.40 43.63
CA ILE A 111 -39.34 4.26 43.36
C ILE A 111 -39.68 3.63 42.01
N TRP A 112 -40.95 3.31 41.79
CA TRP A 112 -41.37 2.61 40.58
C TRP A 112 -41.71 3.55 39.43
N ASP A 113 -42.01 4.82 39.71
CA ASP A 113 -42.28 5.80 38.67
C ASP A 113 -41.14 6.81 38.54
N ASN A 114 -39.97 6.51 39.08
CA ASN A 114 -38.89 7.48 39.15
C ASN A 114 -37.54 6.83 38.89
N MET A 115 -37.14 5.89 39.74
CA MET A 115 -35.81 5.31 39.62
C MET A 115 -35.77 4.25 38.53
N THR A 116 -34.56 3.96 38.07
CA THR A 116 -34.28 2.83 37.21
C THR A 116 -33.68 1.71 38.05
N TRP A 117 -33.74 0.49 37.51
CA TRP A 117 -33.21 -0.66 38.25
C TRP A 117 -31.72 -0.54 38.48
N LEU A 118 -31.00 0.15 37.59
CA LEU A 118 -29.56 0.29 37.74
C LEU A 118 -29.21 1.15 38.94
N GLN A 119 -29.80 2.34 39.02
CA GLN A 119 -29.50 3.21 40.16
C GLN A 119 -30.14 2.71 41.45
N TRP A 120 -31.21 1.92 41.36
CA TRP A 120 -31.78 1.32 42.55
C TRP A 120 -30.85 0.27 43.14
N ASP A 121 -30.32 -0.62 42.30
CA ASP A 121 -29.32 -1.58 42.76
C ASP A 121 -28.08 -0.89 43.29
N LYS A 122 -27.79 0.34 42.84
CA LYS A 122 -26.62 1.06 43.32
C LYS A 122 -26.77 1.47 44.77
N GLU A 123 -27.99 1.82 45.20
CA GLU A 123 -28.21 2.28 46.56
C GLU A 123 -28.68 1.17 47.50
N ILE A 124 -29.19 0.06 46.98
CA ILE A 124 -29.65 -1.04 47.80
C ILE A 124 -28.51 -2.06 47.92
N SER A 125 -27.36 -1.72 47.37
CA SER A 125 -26.27 -2.68 47.22
C SER A 125 -25.75 -3.17 48.56
N ASN A 126 -25.73 -2.30 49.59
CA ASN A 126 -25.19 -2.71 50.88
C ASN A 126 -26.04 -3.80 51.52
N TYR A 127 -27.36 -3.68 51.42
CA TYR A 127 -28.27 -4.57 52.12
C TYR A 127 -28.71 -5.76 51.28
N THR A 128 -28.12 -5.95 50.10
CA THR A 128 -28.56 -7.06 49.24
C THR A 128 -28.22 -8.41 49.86
N GLN A 129 -27.15 -8.47 50.67
CA GLN A 129 -26.84 -9.73 51.36
C GLN A 129 -27.68 -9.91 52.61
N ILE A 130 -28.11 -8.81 53.23
CA ILE A 130 -28.99 -8.91 54.39
C ILE A 130 -30.35 -9.44 53.96
N ILE A 131 -30.90 -8.91 52.87
CA ILE A 131 -32.22 -9.33 52.41
C ILE A 131 -32.19 -10.78 51.94
N TYR A 132 -31.08 -11.20 51.34
CA TYR A 132 -30.99 -12.57 50.84
C TYR A 132 -31.03 -13.60 51.97
N GLY A 133 -30.72 -13.19 53.20
CA GLY A 133 -30.80 -14.09 54.32
C GLY A 133 -32.19 -14.16 54.90
N LEU A 134 -32.91 -13.04 54.89
CA LEU A 134 -34.27 -13.01 55.41
C LEU A 134 -35.21 -13.81 54.52
N LEU A 135 -35.02 -13.73 53.20
CA LEU A 135 -35.80 -14.55 52.28
C LEU A 135 -35.46 -16.03 52.40
N GLU A 136 -34.24 -16.35 52.87
CA GLU A 136 -33.80 -17.74 52.91
C GLU A 136 -34.45 -18.50 54.06
N GLU A 137 -34.36 -17.98 55.28
CA GLU A 137 -34.95 -18.67 56.42
C GLU A 137 -36.46 -18.49 56.50
N SER A 138 -37.01 -17.45 55.88
CA SER A 138 -38.46 -17.35 55.78
C SER A 138 -39.05 -18.48 54.97
N GLN A 139 -38.32 -18.97 53.96
CA GLN A 139 -38.79 -20.10 53.19
C GLN A 139 -38.61 -21.42 53.94
N ASN A 140 -37.54 -21.54 54.72
CA ASN A 140 -37.33 -22.75 55.51
C ASN A 140 -38.41 -22.90 56.57
N GLN A 141 -38.80 -21.79 57.20
CA GLN A 141 -39.83 -21.85 58.24
C GLN A 141 -41.22 -21.98 57.64
N GLN A 142 -41.46 -21.42 56.46
CA GLN A 142 -42.77 -21.55 55.83
C GLN A 142 -43.06 -22.97 55.40
N GLU A 143 -42.06 -23.67 54.84
CA GLU A 143 -42.25 -25.06 54.47
C GLU A 143 -42.40 -25.96 55.69
N LYS A 144 -41.77 -25.59 56.81
CA LYS A 144 -42.01 -26.31 58.05
C LYS A 144 -43.43 -26.08 58.57
N ASN A 145 -43.96 -24.87 58.38
CA ASN A 145 -45.34 -24.59 58.77
C ASN A 145 -46.33 -25.37 57.91
N GLU A 146 -46.08 -25.45 56.60
CA GLU A 146 -46.99 -26.17 55.71
C GLU A 146 -47.01 -27.67 56.03
N GLN A 147 -45.88 -28.23 56.44
CA GLN A 147 -45.85 -29.64 56.81
C GLN A 147 -46.68 -29.91 58.06
N ASP A 148 -46.57 -29.04 59.06
CA ASP A 148 -47.34 -29.21 60.28
C ASP A 148 -48.84 -29.02 60.05
N LEU A 149 -49.21 -28.19 59.08
CA LEU A 149 -50.63 -27.99 58.78
C LEU A 149 -51.23 -29.18 58.05
N LEU A 150 -50.42 -29.90 57.29
CA LEU A 150 -50.87 -31.11 56.59
C LEU A 150 -50.64 -32.37 57.41
N ALA A 151 -50.36 -32.25 58.71
CA ALA A 151 -50.18 -33.39 59.58
C ALA A 151 -51.47 -33.80 60.27
N LEU A 152 -52.63 -33.43 59.72
CA LEU A 152 -53.91 -33.76 60.31
C LEU A 152 -54.93 -34.12 59.23
N GLN B 1 -30.65 14.99 45.19
CA GLN B 1 -30.21 16.37 45.08
C GLN B 1 -30.89 17.09 43.92
N GLY B 2 -30.20 18.11 43.40
CA GLY B 2 -30.73 18.88 42.29
C GLY B 2 -30.68 20.38 42.56
N GLN B 3 -30.10 21.13 41.63
CA GLN B 3 -29.99 22.57 41.73
C GLN B 3 -30.46 23.19 40.42
N LEU B 4 -31.09 24.37 40.53
CA LEU B 4 -31.57 25.08 39.34
C LEU B 4 -31.27 26.57 39.53
N VAL B 5 -30.08 26.99 39.10
CA VAL B 5 -29.68 28.39 39.18
C VAL B 5 -30.30 29.16 38.02
N GLN B 6 -30.85 30.33 38.33
CA GLN B 6 -31.52 31.16 37.34
C GLN B 6 -30.65 32.35 36.96
N SER B 7 -31.09 33.10 35.95
CA SER B 7 -30.31 34.17 35.35
C SER B 7 -30.28 35.39 36.27
N GLY B 8 -29.83 36.53 35.73
CA GLY B 8 -29.81 37.75 36.49
C GLY B 8 -31.18 38.42 36.55
N ALA B 9 -31.32 39.34 37.51
CA ALA B 9 -32.58 40.03 37.76
C ALA B 9 -32.61 41.43 37.15
N THR B 10 -32.10 41.59 35.94
CA THR B 10 -32.11 42.90 35.28
C THR B 10 -33.52 43.24 34.81
N THR B 11 -33.71 44.51 34.44
CA THR B 11 -35.03 45.03 34.10
C THR B 11 -34.99 45.71 32.73
N THR B 12 -36.12 45.62 32.02
CA THR B 12 -36.31 46.35 30.77
C THR B 12 -37.62 47.11 30.83
N LYS B 13 -38.06 47.65 29.70
CA LYS B 13 -39.27 48.45 29.60
C LYS B 13 -40.21 47.85 28.56
N PRO B 14 -41.51 48.21 28.58
CA PRO B 14 -42.48 47.54 27.72
C PRO B 14 -42.09 47.53 26.25
N GLY B 15 -42.61 46.52 25.54
CA GLY B 15 -42.34 46.33 24.12
C GLY B 15 -41.18 45.40 23.81
N SER B 16 -40.39 45.01 24.81
CA SER B 16 -39.16 44.28 24.58
C SER B 16 -39.43 42.77 24.65
N SER B 17 -38.38 41.98 24.82
CA SER B 17 -38.49 40.51 24.89
C SER B 17 -37.22 40.00 25.56
N VAL B 18 -37.36 39.53 26.80
CA VAL B 18 -36.21 39.12 27.60
C VAL B 18 -36.11 37.60 27.62
N LYS B 19 -34.90 37.10 27.84
CA LYS B 19 -34.63 35.67 27.92
C LYS B 19 -34.22 35.31 29.34
N ILE B 20 -34.83 34.26 29.88
CA ILE B 20 -34.56 33.79 31.23
C ILE B 20 -33.94 32.41 31.15
N SER B 21 -32.80 32.22 31.82
CA SER B 21 -32.07 30.96 31.80
C SER B 21 -32.26 30.22 33.11
N CYS B 22 -32.07 28.90 33.04
CA CYS B 22 -32.21 28.03 34.21
C CYS B 22 -31.24 26.87 34.03
N LYS B 23 -30.18 26.86 34.83
CA LYS B 23 -29.12 25.86 34.71
C LYS B 23 -29.28 24.80 35.80
N THR B 24 -29.27 23.53 35.41
CA THR B 24 -29.54 22.42 36.30
C THR B 24 -28.28 21.62 36.59
N SER B 25 -28.30 20.91 37.72
CA SER B 25 -27.19 20.06 38.15
C SER B 25 -27.73 19.00 39.09
N GLY B 26 -26.89 18.01 39.39
CA GLY B 26 -27.22 17.00 40.36
C GLY B 26 -28.31 16.01 39.95
N TYR B 27 -28.79 16.07 38.72
CA TYR B 27 -29.80 15.12 38.26
C TYR B 27 -29.78 15.08 36.74
N ARG B 28 -30.35 14.01 36.19
CA ARG B 28 -30.44 13.84 34.75
C ARG B 28 -31.44 14.83 34.18
N PHE B 29 -30.93 15.83 33.45
CA PHE B 29 -31.77 16.92 32.96
C PHE B 29 -32.86 16.42 32.01
N ASN B 30 -32.63 15.33 31.30
CA ASN B 30 -33.61 14.84 30.34
C ASN B 30 -34.79 14.14 30.98
N PHE B 31 -34.64 13.64 32.21
CA PHE B 31 -35.65 12.74 32.77
C PHE B 31 -36.87 13.45 33.34
N TYR B 32 -36.83 14.77 33.49
CA TYR B 32 -37.93 15.50 34.11
C TYR B 32 -38.26 16.74 33.31
N HIS B 33 -39.53 17.11 33.31
CA HIS B 33 -39.97 18.32 32.64
C HIS B 33 -39.35 19.55 33.30
N ILE B 34 -39.48 20.69 32.62
CA ILE B 34 -39.02 21.98 33.13
C ILE B 34 -40.21 22.93 33.07
N ASN B 35 -40.70 23.37 34.22
CA ASN B 35 -41.85 24.26 34.31
C ASN B 35 -41.40 25.71 34.50
N TRP B 36 -42.22 26.62 33.99
CA TRP B 36 -42.02 28.06 34.17
C TRP B 36 -43.22 28.61 34.92
N ILE B 37 -42.96 29.24 36.07
CA ILE B 37 -44.00 29.76 36.95
C ILE B 37 -43.76 31.25 37.17
N ARG B 38 -44.84 32.01 37.25
CA ARG B 38 -44.80 33.45 37.45
C ARG B 38 -45.57 33.81 38.71
N GLN B 39 -44.96 34.63 39.57
CA GLN B 39 -45.59 35.11 40.80
C GLN B 39 -45.71 36.63 40.69
N THR B 40 -46.75 37.08 39.98
CA THR B 40 -47.02 38.51 39.89
C THR B 40 -47.56 39.03 41.23
N ALA B 41 -47.43 40.34 41.41
CA ALA B 41 -47.98 41.00 42.59
C ALA B 41 -49.45 41.36 42.43
N GLY B 42 -49.88 41.72 41.22
CA GLY B 42 -51.26 42.07 40.97
C GLY B 42 -52.11 40.91 40.50
N ARG B 43 -51.72 39.69 40.87
CA ARG B 43 -52.43 38.48 40.48
C ARG B 43 -51.90 37.33 41.32
N GLY B 44 -52.66 36.23 41.32
CA GLY B 44 -52.21 35.01 41.93
C GLY B 44 -51.11 34.38 41.10
N PRO B 45 -50.27 33.55 41.72
CA PRO B 45 -49.21 32.87 40.96
C PRO B 45 -49.78 32.07 39.80
N GLU B 46 -49.14 32.20 38.64
CA GLU B 46 -49.62 31.61 37.40
C GLU B 46 -48.61 30.59 36.86
N TRP B 47 -49.13 29.45 36.41
CA TRP B 47 -48.32 28.47 35.71
C TRP B 47 -48.24 28.86 34.25
N MET B 48 -47.01 29.08 33.76
CA MET B 48 -46.82 29.53 32.38
C MET B 48 -46.72 28.37 31.40
N GLY B 49 -45.92 27.35 31.73
CA GLY B 49 -45.80 26.19 30.88
C GLY B 49 -44.63 25.28 31.21
N TRP B 50 -44.69 24.03 30.76
CA TRP B 50 -43.58 23.11 30.90
C TRP B 50 -43.14 22.60 29.53
N ILE B 51 -41.94 22.02 29.50
CA ILE B 51 -41.33 21.51 28.28
C ILE B 51 -40.54 20.24 28.65
N SER B 52 -40.35 19.38 27.64
CA SER B 52 -39.66 18.12 27.84
C SER B 52 -38.21 18.24 27.38
N PRO B 53 -37.24 18.27 28.29
CA PRO B 53 -35.82 18.28 27.85
C PRO B 53 -35.40 17.02 27.11
N TYR B 54 -36.25 15.98 27.09
CA TYR B 54 -35.99 14.73 26.39
C TYR B 54 -36.71 14.66 25.05
N SER B 55 -38.01 14.91 25.04
CA SER B 55 -38.82 14.81 23.83
C SER B 55 -39.07 16.15 23.14
N GLY B 56 -38.63 17.25 23.74
CA GLY B 56 -38.89 18.57 23.18
C GLY B 56 -40.32 19.02 23.25
N ASP B 57 -41.24 18.17 23.67
CA ASP B 57 -42.66 18.54 23.70
C ASP B 57 -42.91 19.59 24.78
N LYS B 58 -43.68 20.61 24.42
CA LYS B 58 -43.96 21.73 25.29
C LYS B 58 -45.47 21.88 25.47
N ASN B 59 -45.86 22.49 26.58
CA ASN B 59 -47.27 22.70 26.89
C ASN B 59 -47.39 23.92 27.79
N LEU B 60 -48.03 24.96 27.29
CA LEU B 60 -48.19 26.22 28.02
C LEU B 60 -49.67 26.59 28.08
N ALA B 61 -49.99 27.46 29.04
CA ALA B 61 -51.36 27.89 29.25
C ALA B 61 -51.87 28.69 28.06
N PRO B 62 -53.18 28.67 27.80
CA PRO B 62 -53.71 29.47 26.68
C PRO B 62 -53.55 30.98 26.87
N ALA B 63 -53.35 31.44 28.11
CA ALA B 63 -53.06 32.85 28.34
C ALA B 63 -51.69 33.24 27.80
N PHE B 64 -50.80 32.27 27.59
CA PHE B 64 -49.48 32.49 27.02
C PHE B 64 -49.34 31.78 25.68
N GLN B 65 -50.45 31.54 25.00
CA GLN B 65 -50.47 30.59 23.88
C GLN B 65 -49.53 31.03 22.76
N ASP B 66 -49.68 32.25 22.28
CA ASP B 66 -48.85 32.79 21.21
C ASP B 66 -48.14 34.05 21.72
N ARG B 67 -47.26 33.86 22.71
CA ARG B 67 -46.55 34.99 23.31
C ARG B 67 -45.25 34.54 23.96
N VAL B 68 -45.04 33.23 24.09
CA VAL B 68 -43.93 32.66 24.85
C VAL B 68 -43.22 31.60 24.02
N ASN B 69 -41.90 31.62 24.04
CA ASN B 69 -41.07 30.62 23.38
C ASN B 69 -40.26 29.88 24.45
N MET B 70 -40.49 28.59 24.58
CA MET B 70 -39.79 27.73 25.53
C MET B 70 -38.81 26.84 24.78
N THR B 71 -37.54 26.90 25.14
CA THR B 71 -36.50 26.11 24.49
C THR B 71 -35.53 25.58 25.54
N THR B 72 -34.99 24.39 25.27
CA THR B 72 -33.93 23.79 26.07
C THR B 72 -32.90 23.19 25.13
N ASP B 73 -31.64 23.24 25.54
CA ASP B 73 -30.56 22.62 24.80
C ASP B 73 -30.16 21.30 25.44
N THR B 74 -29.55 20.43 24.64
CA THR B 74 -29.25 19.08 25.08
C THR B 74 -28.31 19.07 26.28
N GLU B 75 -28.45 18.04 27.11
CA GLU B 75 -27.73 17.96 28.37
C GLU B 75 -26.26 17.61 28.14
N VAL B 76 -25.51 17.51 29.23
CA VAL B 76 -24.09 17.14 29.18
C VAL B 76 -23.83 16.03 30.19
N PRO B 77 -23.51 14.82 29.76
CA PRO B 77 -23.31 13.70 30.70
C PRO B 77 -22.14 13.96 31.65
N VAL B 78 -22.47 14.02 32.94
CA VAL B 78 -21.45 14.25 33.97
C VAL B 78 -21.06 12.89 34.55
N THR B 79 -22.05 12.14 35.02
CA THR B 79 -21.86 10.76 35.43
C THR B 79 -22.93 9.92 34.74
N SER B 80 -23.14 8.70 35.25
CA SER B 80 -24.15 7.82 34.67
C SER B 80 -25.56 8.34 34.92
N PHE B 81 -25.77 9.06 36.01
CA PHE B 81 -27.10 9.56 36.37
C PHE B 81 -27.12 11.07 36.59
N THR B 82 -26.06 11.79 36.23
CA THR B 82 -25.97 13.22 36.44
C THR B 82 -25.67 13.92 35.13
N SER B 83 -26.34 15.05 34.91
CA SER B 83 -26.10 15.85 33.72
C SER B 83 -26.43 17.31 34.03
N THR B 84 -25.90 18.20 33.20
CA THR B 84 -26.16 19.62 33.30
C THR B 84 -27.03 20.06 32.12
N GLY B 85 -28.00 20.94 32.39
CA GLY B 85 -28.93 21.38 31.37
C GLY B 85 -29.19 22.86 31.46
N ALA B 86 -30.03 23.35 30.53
CA ALA B 86 -30.39 24.75 30.50
C ALA B 86 -31.75 24.90 29.81
N ALA B 87 -32.59 25.77 30.37
CA ALA B 87 -33.92 26.04 29.84
C ALA B 87 -34.07 27.53 29.63
N TYR B 88 -34.79 27.91 28.57
CA TYR B 88 -34.91 29.29 28.14
C TYR B 88 -36.37 29.72 28.07
N MET B 89 -36.60 31.01 28.26
CA MET B 89 -37.94 31.58 28.37
C MET B 89 -37.96 32.94 27.68
N GLU B 90 -38.99 33.19 26.86
CA GLU B 90 -39.11 34.44 26.14
C GLU B 90 -40.57 34.89 26.13
N ILE B 91 -40.77 36.19 25.95
CA ILE B 91 -42.10 36.79 25.91
C ILE B 91 -42.18 37.70 24.69
N ARG B 92 -43.35 37.71 24.04
CA ARG B 92 -43.51 38.42 22.77
C ARG B 92 -44.05 39.83 22.98
N ASN B 93 -45.39 39.98 22.92
CA ASN B 93 -46.04 41.28 23.08
C ASN B 93 -45.98 41.67 24.56
N LEU B 94 -44.79 42.11 24.98
CA LEU B 94 -44.49 42.33 26.39
C LEU B 94 -44.83 43.76 26.81
N THR B 95 -45.37 43.89 28.00
CA THR B 95 -45.69 45.20 28.58
C THR B 95 -45.01 45.28 29.95
N SER B 96 -45.50 46.18 30.80
CA SER B 96 -45.04 46.29 32.17
C SER B 96 -45.99 45.65 33.17
N ASP B 97 -47.17 45.20 32.72
CA ASP B 97 -48.12 44.51 33.59
C ASP B 97 -47.70 43.08 33.86
N ASP B 98 -46.66 42.57 33.19
CA ASP B 98 -46.11 41.25 33.43
C ASP B 98 -44.95 41.28 34.44
N THR B 99 -45.00 42.20 35.39
CA THR B 99 -43.90 42.40 36.33
C THR B 99 -44.05 41.48 37.53
N GLY B 100 -42.94 40.88 37.94
CA GLY B 100 -42.94 40.03 39.10
C GLY B 100 -41.68 39.16 39.15
N THR B 101 -41.74 38.15 40.02
CA THR B 101 -40.66 37.19 40.18
C THR B 101 -40.96 35.94 39.37
N TYR B 102 -39.96 35.43 38.68
CA TYR B 102 -40.10 34.27 37.80
C TYR B 102 -39.24 33.12 38.31
N PHE B 103 -39.81 31.91 38.28
CA PHE B 103 -39.15 30.72 38.78
C PHE B 103 -39.10 29.65 37.70
N CYS B 104 -38.13 28.75 37.83
CA CYS B 104 -38.07 27.53 37.04
C CYS B 104 -38.06 26.34 37.99
N ALA B 105 -38.92 25.36 37.71
CA ALA B 105 -39.04 24.17 38.55
C ALA B 105 -39.15 22.94 37.67
N LYS B 106 -38.44 21.88 38.06
CA LYS B 106 -38.43 20.65 37.29
C LYS B 106 -39.59 19.75 37.70
N GLY B 107 -39.85 18.73 36.89
CA GLY B 107 -40.94 17.82 37.13
C GLY B 107 -40.74 17.01 38.40
N LEU B 108 -41.82 16.34 38.81
CA LEU B 108 -41.82 15.54 40.04
C LEU B 108 -41.32 14.12 39.76
N LEU B 109 -42.14 13.32 39.09
CA LEU B 109 -41.83 11.94 38.77
C LEU B 109 -41.57 11.79 37.28
N ARG B 110 -41.00 10.64 36.91
CA ARG B 110 -40.80 10.29 35.51
C ARG B 110 -42.00 9.60 34.89
N ASP B 111 -42.99 9.22 35.69
CA ASP B 111 -44.17 8.53 35.18
C ASP B 111 -45.28 8.66 36.21
N GLY B 112 -46.48 8.26 35.81
CA GLY B 112 -47.62 8.29 36.71
C GLY B 112 -48.62 9.37 36.36
N SER B 113 -49.22 9.99 37.37
CA SER B 113 -50.18 11.07 37.16
C SER B 113 -49.60 12.44 37.43
N SER B 114 -48.61 12.54 38.33
CA SER B 114 -47.97 13.81 38.63
C SER B 114 -46.57 13.86 38.03
N THR B 115 -46.47 13.66 36.71
CA THR B 115 -45.17 13.58 36.06
C THR B 115 -44.48 14.93 36.02
N TRP B 116 -45.12 15.91 35.40
CA TRP B 116 -44.54 17.22 35.14
C TRP B 116 -44.61 18.17 36.34
N LEU B 117 -45.11 17.71 37.48
CA LEU B 117 -45.46 18.62 38.56
C LEU B 117 -44.21 19.38 39.04
N PRO B 118 -44.27 20.72 39.10
CA PRO B 118 -43.12 21.48 39.61
C PRO B 118 -42.74 21.11 41.03
N TYR B 119 -41.60 20.45 41.19
CA TYR B 119 -41.18 19.91 42.47
C TYR B 119 -39.98 20.63 43.07
N LEU B 120 -38.92 20.80 42.29
CA LEU B 120 -37.68 21.43 42.76
C LEU B 120 -37.50 22.75 42.02
N TRP B 121 -37.50 23.85 42.77
CA TRP B 121 -37.58 25.19 42.22
C TRP B 121 -36.22 25.89 42.26
N GLY B 122 -36.15 27.02 41.53
CA GLY B 122 -35.00 27.89 41.56
C GLY B 122 -35.18 29.04 42.53
N GLN B 123 -34.16 29.90 42.58
CA GLN B 123 -34.17 31.01 43.52
C GLN B 123 -34.94 32.23 43.01
N GLY B 124 -35.40 32.21 41.76
CA GLY B 124 -36.22 33.28 41.24
C GLY B 124 -35.40 34.45 40.72
N THR B 125 -36.05 35.27 39.89
CA THR B 125 -35.44 36.46 39.31
C THR B 125 -36.45 37.60 39.34
N LEU B 126 -36.00 38.78 39.77
CA LEU B 126 -36.83 39.97 39.73
C LEU B 126 -36.80 40.59 38.34
N LEU B 127 -37.95 41.14 37.92
CA LEU B 127 -38.04 41.73 36.58
C LEU B 127 -38.32 43.23 36.64
N THR B 128 -38.86 43.76 35.55
CA THR B 128 -39.10 45.19 35.39
C THR B 128 -39.90 45.78 36.55
N VAL C 4 -60.36 31.33 40.10
CA VAL C 4 -61.55 30.49 40.02
C VAL C 4 -61.48 29.41 41.10
N LEU C 5 -60.26 29.01 41.44
CA LEU C 5 -60.03 28.06 42.52
C LEU C 5 -59.89 28.84 43.82
N THR C 6 -60.99 28.97 44.55
CA THR C 6 -61.01 29.77 45.77
C THR C 6 -60.37 29.00 46.92
N GLN C 7 -59.56 29.69 47.71
CA GLN C 7 -58.99 29.17 48.93
C GLN C 7 -59.61 29.89 50.13
N SER C 8 -59.19 29.48 51.33
CA SER C 8 -59.64 30.16 52.53
C SER C 8 -59.12 31.60 52.55
N ALA C 9 -59.94 32.51 53.06
CA ALA C 9 -59.53 33.91 53.16
C ALA C 9 -58.27 34.04 54.00
N SER C 10 -58.34 33.60 55.26
CA SER C 10 -57.20 33.53 56.15
C SER C 10 -57.67 32.82 57.41
N VAL C 11 -56.70 32.40 58.23
CA VAL C 11 -56.98 31.71 59.48
C VAL C 11 -55.68 31.61 60.29
N SER C 12 -55.79 31.31 61.58
CA SER C 12 -54.63 31.19 62.45
C SER C 12 -54.88 30.09 63.46
N GLY C 13 -53.86 29.84 64.29
CA GLY C 13 -53.96 28.86 65.35
C GLY C 13 -52.99 29.17 66.46
N SER C 14 -52.29 28.14 66.95
CA SER C 14 -51.26 28.32 67.96
C SER C 14 -50.37 27.09 67.97
N LEU C 15 -49.21 27.23 68.63
CA LEU C 15 -48.25 26.15 68.69
C LEU C 15 -48.85 24.92 69.35
N GLY C 16 -48.89 23.80 68.61
CA GLY C 16 -49.45 22.56 69.08
C GLY C 16 -50.81 22.24 68.48
N GLN C 17 -51.61 23.27 68.15
CA GLN C 17 -52.94 23.05 67.58
C GLN C 17 -52.85 22.73 66.10
N SER C 18 -53.95 22.87 65.38
CA SER C 18 -54.01 22.47 63.98
C SER C 18 -54.70 23.55 63.15
N VAL C 19 -54.52 23.44 61.83
CA VAL C 19 -55.13 24.34 60.85
C VAL C 19 -55.80 23.47 59.79
N THR C 20 -56.74 24.06 59.07
CA THR C 20 -57.45 23.38 57.99
C THR C 20 -57.71 24.39 56.88
N ILE C 21 -56.88 24.35 55.82
CA ILE C 21 -57.04 25.21 54.67
C ILE C 21 -58.03 24.56 53.70
N SER C 22 -58.80 25.39 53.00
CA SER C 22 -59.79 24.92 52.05
C SER C 22 -59.41 25.31 50.64
N CYS C 23 -59.96 24.58 49.68
CA CYS C 23 -59.71 24.83 48.25
C CYS C 23 -60.86 24.21 47.47
N THR C 24 -61.61 25.04 46.75
CA THR C 24 -62.78 24.57 46.03
C THR C 24 -63.00 25.42 44.78
N GLY C 25 -63.88 24.96 43.91
CA GLY C 25 -64.18 25.62 42.67
C GLY C 25 -65.29 24.93 41.92
N PRO C 26 -65.59 25.42 40.71
CA PRO C 26 -66.69 24.83 39.93
C PRO C 26 -66.28 23.55 39.20
N ASN C 27 -67.14 23.07 38.30
CA ASN C 27 -66.82 21.89 37.51
C ASN C 27 -65.64 22.09 36.59
N SER C 28 -65.17 23.32 36.42
CA SER C 28 -64.08 23.58 35.48
C SER C 28 -62.73 23.10 36.02
N VAL C 29 -62.54 23.12 37.33
CA VAL C 29 -61.22 22.90 37.90
C VAL C 29 -61.29 22.08 39.19
N CYS C 30 -62.42 21.39 39.40
CA CYS C 30 -62.65 20.72 40.68
C CYS C 30 -63.89 19.85 40.57
N CYS C 31 -63.84 18.65 41.16
CA CYS C 31 -62.66 18.12 41.87
C CYS C 31 -62.44 16.64 41.59
N SER C 32 -63.52 15.86 41.62
CA SER C 32 -63.45 14.41 41.56
C SER C 32 -62.77 13.88 40.31
N HIS C 33 -62.61 14.69 39.27
CA HIS C 33 -61.86 14.31 38.08
C HIS C 33 -60.56 15.10 37.94
N LYS C 34 -60.08 15.69 39.03
CA LYS C 34 -58.82 16.42 39.06
C LYS C 34 -58.03 16.03 40.30
N SER C 35 -56.72 16.25 40.24
CA SER C 35 -55.85 16.04 41.37
C SER C 35 -55.46 17.39 41.98
N ILE C 36 -55.25 17.39 43.30
CA ILE C 36 -54.98 18.61 44.05
C ILE C 36 -53.60 18.49 44.68
N SER C 37 -52.75 19.49 44.43
CA SER C 37 -51.44 19.59 45.06
C SER C 37 -51.38 20.86 45.90
N TRP C 38 -50.71 20.76 47.05
CA TRP C 38 -50.62 21.85 48.02
C TRP C 38 -49.18 22.32 48.12
N TYR C 39 -48.95 23.58 47.79
CA TYR C 39 -47.62 24.18 47.80
C TYR C 39 -47.49 25.15 48.96
N GLN C 40 -46.46 24.97 49.78
CA GLN C 40 -46.07 25.97 50.76
C GLN C 40 -45.16 26.99 50.07
N TRP C 41 -45.56 28.26 50.09
CA TRP C 41 -44.93 29.28 49.26
C TRP C 41 -44.73 30.56 50.04
N PRO C 42 -43.58 30.71 50.69
CA PRO C 42 -43.21 32.01 51.26
C PRO C 42 -43.19 33.08 50.18
N PRO C 43 -43.73 34.27 50.45
CA PRO C 43 -43.87 35.29 49.40
C PRO C 43 -42.51 35.73 48.87
N GLY C 44 -42.31 35.53 47.58
CA GLY C 44 -41.07 35.94 46.94
C GLY C 44 -39.88 35.07 47.26
N ARG C 45 -40.07 33.76 47.36
CA ARG C 45 -38.98 32.83 47.65
C ARG C 45 -39.23 31.53 46.90
N ALA C 46 -38.31 30.58 47.08
CA ALA C 46 -38.42 29.28 46.45
C ALA C 46 -39.57 28.49 47.08
N PRO C 47 -40.59 28.12 46.32
CA PRO C 47 -41.73 27.37 46.91
C PRO C 47 -41.34 25.97 47.34
N THR C 48 -42.28 25.25 47.94
CA THR C 48 -42.05 23.89 48.40
C THR C 48 -43.30 23.07 48.15
N LEU C 49 -43.12 21.89 47.56
CA LEU C 49 -44.23 20.97 47.35
C LEU C 49 -44.47 20.17 48.62
N ILE C 50 -45.66 20.31 49.19
CA ILE C 50 -46.03 19.65 50.43
C ILE C 50 -46.78 18.34 50.17
N ILE C 51 -47.83 18.41 49.36
CA ILE C 51 -48.72 17.27 49.13
C ILE C 51 -49.19 17.31 47.69
N TYR C 52 -49.20 16.15 47.04
CA TYR C 52 -49.73 16.00 45.69
C TYR C 52 -50.66 14.79 45.65
N GLU C 53 -51.39 14.68 44.54
CA GLU C 53 -52.41 13.64 44.37
C GLU C 53 -53.38 13.62 45.55
N ASP C 54 -53.87 14.82 45.89
CA ASP C 54 -54.85 15.05 46.94
C ASP C 54 -54.26 14.85 48.34
N ASN C 55 -53.50 13.78 48.56
CA ASN C 55 -53.05 13.48 49.92
C ASN C 55 -51.65 12.87 50.02
N GLU C 56 -50.93 12.67 48.92
CA GLU C 56 -49.60 12.06 49.00
C GLU C 56 -48.56 13.14 49.31
N ARG C 57 -47.82 12.95 50.40
CA ARG C 57 -46.80 13.90 50.80
C ARG C 57 -45.53 13.74 49.95
N ALA C 58 -44.82 14.85 49.79
CA ALA C 58 -43.54 14.83 49.09
C ALA C 58 -42.46 14.25 49.99
N PRO C 59 -41.34 13.80 49.42
CA PRO C 59 -40.28 13.19 50.25
C PRO C 59 -39.72 14.17 51.27
N GLY C 60 -39.91 13.85 52.54
CA GLY C 60 -39.42 14.66 53.64
C GLY C 60 -40.46 15.51 54.32
N ILE C 61 -41.65 15.66 53.73
CA ILE C 61 -42.68 16.49 54.34
C ILE C 61 -43.12 15.89 55.67
N SER C 62 -43.27 16.76 56.67
CA SER C 62 -43.62 16.30 58.01
C SER C 62 -44.97 15.59 58.00
N PRO C 63 -45.13 14.52 58.77
CA PRO C 63 -46.39 13.76 58.73
C PRO C 63 -47.59 14.56 59.22
N ARG C 64 -47.37 15.64 59.97
CA ARG C 64 -48.48 16.45 60.44
C ARG C 64 -49.22 17.13 59.29
N PHE C 65 -48.56 17.33 58.15
CA PHE C 65 -49.24 17.79 56.95
C PHE C 65 -50.07 16.65 56.37
N SER C 66 -51.34 16.93 56.10
CA SER C 66 -52.24 15.91 55.57
C SER C 66 -53.25 16.57 54.64
N GLY C 67 -53.51 15.92 53.52
CA GLY C 67 -54.47 16.40 52.54
C GLY C 67 -55.70 15.50 52.51
N TYR C 68 -56.84 16.10 52.17
CA TYR C 68 -58.08 15.37 52.03
C TYR C 68 -58.91 16.06 50.96
N LYS C 69 -59.57 15.28 50.12
CA LYS C 69 -60.39 15.82 49.04
C LYS C 69 -61.80 15.25 49.15
N SER C 70 -62.77 16.12 49.33
CA SER C 70 -64.17 15.75 49.19
C SER C 70 -64.54 15.73 47.71
N TYR C 71 -65.82 15.45 47.43
CA TYR C 71 -66.27 15.53 46.05
C TYR C 71 -66.51 16.96 45.59
N TRP C 72 -66.32 17.95 46.47
CA TRP C 72 -66.58 19.34 46.15
C TRP C 72 -65.55 20.31 46.70
N SER C 73 -64.59 19.88 47.51
CA SER C 73 -63.60 20.79 48.05
C SER C 73 -62.43 19.98 48.62
N ALA C 74 -61.21 20.40 48.29
CA ALA C 74 -60.01 19.79 48.83
C ALA C 74 -59.57 20.52 50.09
N TYR C 75 -58.92 19.78 51.00
CA TYR C 75 -58.51 20.32 52.28
C TYR C 75 -57.03 20.06 52.52
N LEU C 76 -56.42 20.90 53.35
CA LEU C 76 -55.04 20.73 53.78
C LEU C 76 -54.98 21.00 55.28
N THR C 77 -54.76 19.95 56.07
CA THR C 77 -54.65 20.09 57.52
C THR C 77 -53.19 20.26 57.91
N ILE C 78 -52.95 21.19 58.83
CA ILE C 78 -51.59 21.45 59.32
C ILE C 78 -51.57 21.27 60.83
N SER C 79 -51.45 20.02 61.28
CA SER C 79 -51.46 19.71 62.71
C SER C 79 -50.13 20.11 63.35
N ASP C 80 -50.16 20.21 64.68
CA ASP C 80 -48.99 20.53 65.50
C ASP C 80 -48.18 21.68 64.93
N LEU C 81 -48.64 22.91 65.14
CA LEU C 81 -48.00 24.05 64.51
C LEU C 81 -46.61 24.30 65.08
N ARG C 82 -45.81 25.04 64.30
CA ARG C 82 -44.45 25.40 64.65
C ARG C 82 -44.17 26.81 64.14
N PRO C 83 -43.07 27.46 64.57
CA PRO C 83 -42.80 28.82 64.10
C PRO C 83 -42.76 28.99 62.58
N GLU C 84 -42.12 28.06 61.87
CA GLU C 84 -41.91 28.22 60.44
C GLU C 84 -43.19 28.07 59.62
N ASP C 85 -44.33 27.83 60.25
CA ASP C 85 -45.59 27.68 59.52
C ASP C 85 -46.16 29.00 59.02
N GLU C 86 -45.59 30.13 59.42
CA GLU C 86 -46.08 31.44 59.00
C GLU C 86 -45.66 31.69 57.55
N THR C 87 -46.38 31.05 56.63
CA THR C 87 -46.19 31.25 55.20
C THR C 87 -47.56 31.39 54.54
N THR C 88 -47.56 31.57 53.23
CA THR C 88 -48.77 31.63 52.43
C THR C 88 -48.87 30.35 51.60
N TYR C 89 -50.00 29.68 51.69
CA TYR C 89 -50.19 28.40 51.03
C TYR C 89 -51.10 28.56 49.81
N TYR C 90 -50.79 27.81 48.75
CA TYR C 90 -51.54 27.84 47.50
C TYR C 90 -51.87 26.42 47.09
N CYS C 91 -53.14 26.17 46.77
CA CYS C 91 -53.53 24.88 46.21
C CYS C 91 -53.38 24.92 44.69
N CYS C 92 -53.66 23.79 44.05
CA CYS C 92 -53.44 23.64 42.62
C CYS C 92 -54.23 22.44 42.12
N SER C 93 -54.88 22.60 40.97
CA SER C 93 -55.68 21.55 40.35
C SER C 93 -55.07 21.20 38.99
N TYR C 94 -54.88 19.90 38.76
CA TYR C 94 -54.22 19.45 37.53
C TYR C 94 -54.70 18.05 37.18
N THR C 95 -54.46 17.68 35.93
CA THR C 95 -54.57 16.30 35.47
C THR C 95 -53.17 15.85 35.04
N HIS C 96 -53.11 14.68 34.40
CA HIS C 96 -51.81 14.12 34.05
C HIS C 96 -51.16 14.85 32.88
N ASN C 97 -51.95 15.41 31.95
CA ASN C 97 -51.43 16.05 30.73
C ASN C 97 -52.06 17.42 30.54
N SER C 98 -51.74 18.35 31.44
CA SER C 98 -52.32 19.68 31.34
C SER C 98 -51.51 20.62 32.22
N GLY C 99 -52.11 21.73 32.62
CA GLY C 99 -51.45 22.64 33.53
C GLY C 99 -51.99 22.53 34.95
N CYS C 100 -51.33 23.26 35.86
CA CYS C 100 -51.65 23.24 37.29
C CYS C 100 -52.23 24.61 37.62
N VAL C 101 -53.55 24.73 37.50
CA VAL C 101 -54.25 25.97 37.85
C VAL C 101 -54.09 26.21 39.33
N PHE C 102 -53.38 27.29 39.69
CA PHE C 102 -53.14 27.58 41.10
C PHE C 102 -54.40 28.12 41.77
N GLY C 103 -54.31 28.28 43.09
CA GLY C 103 -55.39 28.82 43.88
C GLY C 103 -55.18 30.29 44.24
N THR C 104 -56.18 30.83 44.93
CA THR C 104 -56.14 32.24 45.31
C THR C 104 -55.04 32.50 46.33
N GLY C 105 -55.09 31.83 47.47
CA GLY C 105 -54.08 31.97 48.49
C GLY C 105 -54.70 31.90 49.87
N THR C 106 -53.87 31.59 50.87
CA THR C 106 -54.32 31.49 52.25
C THR C 106 -53.15 31.88 53.15
N LYS C 107 -53.31 32.99 53.87
CA LYS C 107 -52.32 33.42 54.86
C LYS C 107 -52.55 32.68 56.16
N VAL C 108 -51.52 31.99 56.65
CA VAL C 108 -51.62 31.25 57.90
C VAL C 108 -50.59 31.76 58.90
N GLU D 2 -46.77 1.91 53.19
CA GLU D 2 -46.82 1.68 54.62
C GLU D 2 -46.50 0.21 54.95
N ASN D 3 -47.32 -0.69 54.41
CA ASN D 3 -47.08 -2.13 54.54
C ASN D 3 -46.31 -2.58 53.31
N LEU D 4 -44.98 -2.62 53.45
CA LEU D 4 -44.10 -2.93 52.33
C LEU D 4 -43.29 -4.19 52.65
N TRP D 5 -43.35 -5.17 51.76
CA TRP D 5 -42.54 -6.37 51.87
C TRP D 5 -41.58 -6.46 50.69
N VAL D 6 -40.50 -7.22 50.90
CA VAL D 6 -39.57 -7.48 49.83
C VAL D 6 -40.26 -8.29 48.73
N THR D 7 -40.03 -7.90 47.48
CA THR D 7 -40.55 -8.63 46.34
C THR D 7 -39.41 -8.92 45.38
N VAL D 8 -39.26 -10.19 45.01
CA VAL D 8 -38.14 -10.65 44.20
C VAL D 8 -38.54 -10.58 42.73
N TYR D 9 -37.60 -10.10 41.90
CA TYR D 9 -37.79 -10.00 40.47
C TYR D 9 -36.64 -10.69 39.77
N TYR D 10 -36.95 -11.62 38.87
CA TYR D 10 -35.97 -12.33 38.07
C TYR D 10 -35.98 -11.75 36.66
N GLY D 11 -34.83 -11.27 36.21
CA GLY D 11 -34.73 -10.66 34.90
C GLY D 11 -34.87 -9.16 34.93
N VAL D 12 -34.08 -8.50 35.78
CA VAL D 12 -34.12 -7.04 35.91
C VAL D 12 -33.00 -6.44 35.08
N PRO D 13 -33.28 -5.37 34.34
CA PRO D 13 -32.24 -4.80 33.46
C PRO D 13 -31.16 -4.05 34.21
N VAL D 14 -30.30 -4.76 34.93
CA VAL D 14 -29.19 -4.16 35.65
C VAL D 14 -27.94 -5.01 35.45
N TRP D 15 -26.82 -4.35 35.16
CA TRP D 15 -25.57 -5.02 34.86
C TRP D 15 -24.44 -4.42 35.68
N LYS D 16 -23.34 -5.17 35.78
CA LYS D 16 -22.13 -4.73 36.43
C LYS D 16 -20.95 -5.01 35.52
N ASP D 17 -19.94 -4.15 35.59
CA ASP D 17 -18.71 -4.37 34.83
C ASP D 17 -18.09 -5.70 35.24
N ALA D 18 -17.45 -6.35 34.27
CA ALA D 18 -16.90 -7.67 34.50
C ALA D 18 -15.86 -8.00 33.45
N GLU D 19 -15.05 -9.00 33.76
CA GLU D 19 -14.13 -9.60 32.81
C GLU D 19 -14.58 -11.04 32.57
N THR D 20 -14.59 -11.45 31.30
CA THR D 20 -15.04 -12.79 30.95
C THR D 20 -14.25 -13.26 29.74
N THR D 21 -14.42 -14.55 29.43
CA THR D 21 -13.82 -15.10 28.21
C THR D 21 -14.72 -14.79 27.02
N LEU D 22 -14.14 -14.18 26.00
CA LEU D 22 -14.86 -13.82 24.78
C LEU D 22 -14.48 -14.80 23.68
N PHE D 23 -15.46 -15.50 23.13
CA PHE D 23 -15.20 -16.40 22.02
C PHE D 23 -15.32 -15.64 20.70
N CYS D 24 -14.86 -16.29 19.63
CA CYS D 24 -14.76 -15.66 18.32
C CYS D 24 -15.90 -16.09 17.42
N ALA D 25 -16.37 -15.15 16.60
CA ALA D 25 -17.37 -15.41 15.58
C ALA D 25 -16.87 -14.90 14.25
N SER D 26 -17.27 -15.57 13.17
CA SER D 26 -16.81 -15.19 11.84
C SER D 26 -17.90 -15.53 10.83
N ASP D 27 -17.67 -15.14 9.59
CA ASP D 27 -18.62 -15.37 8.50
C ASP D 27 -18.13 -16.52 7.62
N ALA D 28 -19.04 -17.03 6.79
CA ALA D 28 -18.76 -18.19 5.96
C ALA D 28 -17.93 -17.79 4.74
N LYS D 29 -16.77 -18.44 4.58
CA LYS D 29 -15.90 -18.21 3.43
C LYS D 29 -15.49 -19.49 2.72
N ALA D 30 -15.63 -20.66 3.34
CA ALA D 30 -15.29 -21.92 2.70
C ALA D 30 -16.55 -22.72 2.41
N LYS D 35 -7.28 -21.04 2.02
CA LYS D 35 -7.60 -22.25 2.78
C LYS D 35 -7.83 -21.93 4.26
N HIS D 36 -6.78 -22.05 5.05
CA HIS D 36 -6.86 -21.84 6.49
C HIS D 36 -5.88 -20.73 6.89
N ASN D 37 -6.42 -19.64 7.43
CA ASN D 37 -5.59 -18.54 7.90
C ASN D 37 -5.00 -18.86 9.27
N VAL D 38 -3.95 -18.13 9.62
CA VAL D 38 -3.32 -18.29 10.93
C VAL D 38 -4.30 -17.94 12.05
N TRP D 39 -5.33 -17.14 11.74
CA TRP D 39 -6.30 -16.71 12.73
C TRP D 39 -7.37 -17.76 13.01
N ALA D 40 -7.35 -18.88 12.29
CA ALA D 40 -8.21 -20.04 12.55
C ALA D 40 -9.69 -19.63 12.59
N THR D 41 -10.07 -18.70 11.72
CA THR D 41 -11.45 -18.24 11.69
C THR D 41 -12.43 -19.34 11.30
N HIS D 42 -11.92 -20.45 10.72
CA HIS D 42 -12.78 -21.58 10.41
C HIS D 42 -13.32 -22.25 11.67
N ALA D 43 -12.65 -22.08 12.80
CA ALA D 43 -13.07 -22.69 14.06
C ALA D 43 -13.99 -21.79 14.88
N CYS D 44 -14.36 -20.63 14.37
CA CYS D 44 -15.24 -19.72 15.10
C CYS D 44 -16.69 -20.00 14.77
N VAL D 45 -17.57 -19.67 15.73
CA VAL D 45 -19.00 -19.89 15.53
C VAL D 45 -19.49 -19.00 14.40
N PRO D 46 -20.33 -19.49 13.48
CA PRO D 46 -20.81 -18.63 12.40
C PRO D 46 -21.61 -17.45 12.93
N THR D 47 -21.28 -16.27 12.42
CA THR D 47 -21.95 -15.05 12.85
C THR D 47 -23.37 -14.98 12.29
N ASP D 48 -24.28 -14.42 13.07
CA ASP D 48 -25.66 -14.27 12.64
C ASP D 48 -25.72 -13.32 11.44
N PRO D 49 -26.44 -13.69 10.37
CA PRO D 49 -26.67 -12.72 9.28
C PRO D 49 -27.48 -11.51 9.69
N ASN D 50 -28.04 -11.52 10.90
CA ASN D 50 -28.78 -10.39 11.46
C ASN D 50 -28.05 -9.92 12.70
N PRO D 51 -26.97 -9.13 12.54
CA PRO D 51 -26.22 -8.66 13.72
C PRO D 51 -27.07 -7.80 14.63
N GLN D 52 -27.80 -8.45 15.54
CA GLN D 52 -28.77 -7.74 16.38
C GLN D 52 -28.08 -6.72 17.27
N GLU D 53 -28.58 -5.49 17.23
CA GLU D 53 -28.14 -4.42 18.11
C GLU D 53 -29.37 -3.80 18.75
N ILE D 54 -29.42 -3.82 20.08
CA ILE D 54 -30.50 -3.21 20.84
C ILE D 54 -30.01 -1.89 21.41
N HIS D 55 -30.75 -0.82 21.15
CA HIS D 55 -30.39 0.49 21.67
C HIS D 55 -30.96 0.66 23.07
N LEU D 56 -30.11 1.08 24.00
CA LEU D 56 -30.48 1.23 25.40
C LEU D 56 -30.85 2.69 25.64
N GLU D 57 -32.11 3.02 25.37
CA GLU D 57 -32.60 4.39 25.54
C GLU D 57 -32.41 4.84 26.97
N ASN D 58 -32.11 6.13 27.14
CA ASN D 58 -31.95 6.83 28.42
C ASN D 58 -30.74 6.36 29.22
N VAL D 59 -29.98 5.39 28.73
CA VAL D 59 -28.83 4.85 29.45
C VAL D 59 -27.62 5.72 29.13
N THR D 60 -26.74 5.87 30.13
CA THR D 60 -25.49 6.60 29.96
C THR D 60 -24.41 5.84 30.72
N GLU D 61 -23.52 5.18 29.99
CA GLU D 61 -22.52 4.30 30.57
C GLU D 61 -21.15 4.96 30.57
N GLU D 62 -20.30 4.52 31.50
CA GLU D 62 -18.92 4.96 31.57
C GLU D 62 -18.03 3.98 30.82
N PHE D 63 -17.11 4.53 30.03
CA PHE D 63 -16.15 3.73 29.28
C PHE D 63 -14.73 4.15 29.65
N ASN D 64 -13.78 3.27 29.36
CA ASN D 64 -12.37 3.56 29.61
C ASN D 64 -11.55 2.58 28.76
N MET D 65 -11.26 2.99 27.52
CA MET D 65 -10.54 2.14 26.59
C MET D 65 -9.14 1.80 27.07
N TRP D 66 -8.59 2.59 27.99
CA TRP D 66 -7.25 2.35 28.50
C TRP D 66 -7.21 1.39 29.68
N LYS D 67 -8.37 0.99 30.20
CA LYS D 67 -8.46 -0.12 31.14
C LYS D 67 -9.28 -1.28 30.59
N ASN D 68 -9.73 -1.21 29.34
CA ASN D 68 -10.55 -2.25 28.74
C ASN D 68 -9.82 -3.59 28.75
N ASN D 69 -10.55 -4.64 29.17
CA ASN D 69 -9.98 -5.98 29.20
C ASN D 69 -10.05 -6.68 27.84
N MET D 70 -10.93 -6.24 26.94
CA MET D 70 -11.03 -6.87 25.63
C MET D 70 -9.73 -6.73 24.84
N VAL D 71 -9.02 -5.61 24.98
CA VAL D 71 -7.77 -5.43 24.25
C VAL D 71 -6.68 -6.31 24.84
N GLU D 72 -6.67 -6.49 26.16
CA GLU D 72 -5.68 -7.37 26.76
C GLU D 72 -5.97 -8.83 26.41
N GLN D 73 -7.23 -9.17 26.17
CA GLN D 73 -7.60 -10.53 25.80
C GLN D 73 -7.30 -10.79 24.33
N MET D 74 -7.65 -9.84 23.46
CA MET D 74 -7.32 -10.00 22.04
C MET D 74 -5.83 -10.02 21.81
N HIS D 75 -5.07 -9.25 22.60
CA HIS D 75 -3.61 -9.27 22.46
C HIS D 75 -3.06 -10.67 22.68
N THR D 76 -3.59 -11.39 23.67
CA THR D 76 -3.10 -12.75 23.93
C THR D 76 -3.67 -13.75 22.93
N ASP D 77 -4.89 -13.53 22.44
CA ASP D 77 -5.50 -14.47 21.52
C ASP D 77 -4.71 -14.53 20.21
N ILE D 78 -4.41 -13.37 19.63
CA ILE D 78 -3.68 -13.34 18.36
C ILE D 78 -2.31 -13.97 18.52
N ILE D 79 -1.62 -13.66 19.62
CA ILE D 79 -0.32 -14.27 19.87
C ILE D 79 -0.44 -15.78 20.01
N SER D 80 -1.53 -16.24 20.64
CA SER D 80 -1.74 -17.67 20.77
C SER D 80 -2.07 -18.30 19.43
N LEU D 81 -2.82 -17.59 18.58
CA LEU D 81 -3.11 -18.10 17.24
C LEU D 81 -1.83 -18.30 16.45
N TRP D 82 -0.87 -17.37 16.59
CA TRP D 82 0.41 -17.53 15.90
C TRP D 82 1.22 -18.66 16.53
N ASP D 83 1.22 -18.77 17.85
CA ASP D 83 1.91 -19.88 18.49
C ASP D 83 1.28 -21.22 18.09
N GLN D 84 -0.05 -21.26 18.02
CA GLN D 84 -0.73 -22.50 17.65
C GLN D 84 -0.40 -22.91 16.22
N SER D 85 -0.18 -21.94 15.33
CA SER D 85 0.03 -22.23 13.92
C SER D 85 1.48 -22.54 13.59
N LEU D 86 2.42 -22.03 14.38
CA LEU D 86 3.84 -22.27 14.12
C LEU D 86 4.39 -23.47 14.87
N LYS D 87 3.60 -24.10 15.74
CA LYS D 87 4.05 -25.31 16.42
C LYS D 87 4.40 -26.43 15.46
N PRO D 88 3.50 -26.89 14.57
CA PRO D 88 3.77 -28.11 13.80
C PRO D 88 4.59 -27.88 12.54
N CYS D 89 5.22 -26.73 12.37
CA CYS D 89 5.93 -26.42 11.14
C CYS D 89 7.43 -26.69 11.32
N VAL D 90 8.18 -26.46 10.23
CA VAL D 90 9.56 -26.93 10.14
C VAL D 90 10.46 -26.09 11.03
N LYS D 91 11.33 -26.78 11.79
CA LYS D 91 12.42 -26.11 12.51
C LYS D 91 13.61 -26.01 11.57
N LEU D 92 14.04 -24.77 11.28
CA LEU D 92 15.14 -24.54 10.34
C LEU D 92 16.49 -24.44 11.04
N THR D 93 16.69 -25.18 12.14
CA THR D 93 17.99 -25.17 12.79
C THR D 93 19.15 -25.63 11.92
N PRO D 94 18.98 -26.52 10.92
CA PRO D 94 20.10 -26.79 10.01
C PRO D 94 20.51 -25.60 9.15
N LEU D 95 19.62 -24.62 8.97
CA LEU D 95 19.97 -23.45 8.17
C LEU D 95 20.99 -22.55 8.86
N CYS D 96 21.11 -22.62 10.19
CA CYS D 96 22.10 -21.82 10.88
C CYS D 96 23.50 -22.38 10.62
N VAL D 97 23.96 -22.23 9.38
CA VAL D 97 25.25 -22.74 8.94
C VAL D 97 25.96 -21.60 8.20
N THR D 98 27.27 -21.78 7.99
CA THR D 98 28.04 -20.76 7.29
C THR D 98 27.57 -20.61 5.85
N LEU D 99 27.40 -19.37 5.41
CA LEU D 99 26.90 -19.04 4.08
C LEU D 99 27.99 -18.34 3.28
N GLN D 100 28.25 -18.85 2.07
CA GLN D 100 29.12 -18.17 1.11
C GLN D 100 28.23 -17.37 0.18
N CYS D 101 28.22 -16.05 0.35
CA CYS D 101 27.28 -15.17 -0.33
C CYS D 101 27.98 -14.28 -1.34
N THR D 102 27.30 -14.03 -2.45
CA THR D 102 27.69 -13.00 -3.41
C THR D 102 26.46 -12.16 -3.74
N ASN D 103 26.71 -10.93 -4.16
CA ASN D 103 25.62 -10.11 -4.70
C ASN D 103 25.04 -10.79 -5.92
N VAL D 104 23.72 -10.71 -6.06
CA VAL D 104 23.03 -11.30 -7.20
C VAL D 104 22.86 -10.22 -8.27
N THR D 105 23.52 -10.41 -9.41
CA THR D 105 23.42 -9.52 -10.56
C THR D 105 23.75 -8.09 -10.19
N ASN D 106 25.02 -7.70 -10.33
CA ASN D 106 25.48 -6.39 -9.91
C ASN D 106 25.09 -5.33 -10.93
N ALA D 107 25.70 -4.14 -10.79
CA ALA D 107 25.54 -3.01 -11.69
C ALA D 107 24.09 -2.51 -11.74
N ILE D 108 23.68 -1.70 -10.76
CA ILE D 108 22.42 -0.97 -10.87
C ILE D 108 22.58 0.43 -10.28
N THR D 109 22.68 0.56 -8.96
CA THR D 109 22.72 1.86 -8.31
C THR D 109 23.60 1.83 -7.06
N ASP D 110 24.85 1.37 -7.22
CA ASP D 110 25.88 1.39 -6.17
C ASP D 110 25.36 0.57 -4.99
N ASP D 111 25.31 1.12 -3.78
CA ASP D 111 24.97 0.35 -2.59
C ASP D 111 23.47 0.03 -2.50
N MET D 112 22.93 -0.56 -3.55
CA MET D 112 21.60 -1.19 -3.50
C MET D 112 21.65 -2.61 -4.04
N ARG D 113 22.84 -3.13 -4.32
CA ARG D 113 23.01 -4.49 -4.80
C ARG D 113 23.23 -5.49 -3.68
N GLY D 114 23.85 -5.06 -2.58
CA GLY D 114 23.95 -5.88 -1.40
C GLY D 114 22.65 -6.04 -0.64
N GLU D 115 21.59 -5.35 -1.06
CA GLU D 115 20.30 -5.45 -0.37
C GLU D 115 19.72 -6.85 -0.46
N LEU D 116 20.05 -7.59 -1.52
CA LEU D 116 19.65 -8.99 -1.63
C LEU D 116 20.83 -9.79 -2.16
N LYS D 117 21.13 -10.91 -1.50
CA LYS D 117 22.32 -11.71 -1.76
C LYS D 117 21.97 -13.04 -2.39
N ASN D 118 22.97 -13.65 -3.04
CA ASN D 118 22.89 -15.00 -3.58
C ASN D 118 23.84 -15.85 -2.74
N CYS D 119 23.28 -16.60 -1.80
CA CYS D 119 24.06 -17.33 -0.80
C CYS D 119 23.98 -18.82 -1.06
N SER D 120 25.13 -19.47 -1.08
CA SER D 120 25.23 -20.92 -1.20
C SER D 120 25.76 -21.50 0.11
N PHE D 121 25.32 -22.72 0.43
CA PHE D 121 25.69 -23.34 1.69
C PHE D 121 25.53 -24.84 1.60
N ASN D 122 26.25 -25.55 2.46
CA ASN D 122 26.12 -26.99 2.58
C ASN D 122 24.95 -27.32 3.51
N MET D 123 24.15 -28.31 3.10
CA MET D 123 22.90 -28.59 3.78
C MET D 123 22.72 -30.10 3.93
N THR D 124 22.07 -30.49 5.03
CA THR D 124 21.73 -31.89 5.25
C THR D 124 20.70 -32.36 4.23
N THR D 125 20.80 -33.63 3.84
CA THR D 125 19.89 -34.24 2.88
C THR D 125 18.93 -35.17 3.61
N GLU D 126 18.26 -36.02 2.83
CA GLU D 126 17.45 -37.08 3.41
C GLU D 126 18.33 -38.13 4.08
N LEU D 127 19.55 -38.30 3.59
CA LEU D 127 20.53 -39.18 4.21
C LEU D 127 21.35 -38.40 5.22
N ARG D 128 21.38 -38.89 6.46
CA ARG D 128 22.06 -38.19 7.55
C ARG D 128 23.58 -38.14 7.36
N ASP D 129 24.14 -38.94 6.45
CA ASP D 129 25.59 -39.00 6.28
C ASP D 129 26.06 -38.44 4.95
N LYS D 130 25.21 -37.67 4.25
CA LYS D 130 25.59 -37.11 2.97
C LYS D 130 25.11 -35.67 2.88
N LYS D 131 26.02 -34.76 2.56
CA LYS D 131 25.71 -33.35 2.45
C LYS D 131 25.37 -32.97 1.01
N GLN D 132 24.76 -31.80 0.86
CA GLN D 132 24.47 -31.22 -0.44
C GLN D 132 24.86 -29.75 -0.42
N LYS D 133 25.40 -29.25 -1.53
CA LYS D 133 25.69 -27.83 -1.68
C LYS D 133 24.54 -27.20 -2.43
N VAL D 134 23.75 -26.39 -1.71
CA VAL D 134 22.60 -25.71 -2.28
C VAL D 134 22.82 -24.20 -2.14
N TYR D 135 21.96 -23.44 -2.81
CA TYR D 135 22.03 -21.99 -2.73
C TYR D 135 20.62 -21.42 -2.59
N SER D 136 20.55 -20.20 -2.05
CA SER D 136 19.28 -19.52 -1.87
C SER D 136 19.51 -18.01 -1.93
N LEU D 137 18.46 -17.28 -2.30
CA LEU D 137 18.49 -15.83 -2.31
C LEU D 137 17.96 -15.32 -0.98
N PHE D 138 18.72 -14.45 -0.33
CA PHE D 138 18.35 -13.91 0.97
C PHE D 138 18.45 -12.39 0.94
N TYR D 139 17.51 -11.73 1.59
CA TYR D 139 17.60 -10.29 1.73
C TYR D 139 18.71 -9.93 2.72
N ARG D 140 19.14 -8.66 2.66
CA ARG D 140 20.26 -8.24 3.48
C ARG D 140 19.87 -8.17 4.96
N LEU D 141 18.64 -7.76 5.25
CA LEU D 141 18.19 -7.65 6.63
C LEU D 141 18.03 -8.99 7.34
N ASP D 142 18.26 -10.11 6.63
CA ASP D 142 18.21 -11.43 7.23
C ASP D 142 19.59 -12.06 7.41
N VAL D 143 20.66 -11.34 7.08
CA VAL D 143 22.01 -11.89 7.16
C VAL D 143 22.95 -10.85 7.78
N VAL D 144 24.03 -11.35 8.37
CA VAL D 144 25.11 -10.53 8.91
C VAL D 144 26.43 -11.19 8.59
N GLN D 145 27.48 -10.38 8.52
CA GLN D 145 28.80 -10.86 8.11
C GLN D 145 29.53 -11.48 9.30
N ILE D 146 30.70 -12.06 9.01
CA ILE D 146 31.53 -12.67 10.03
C ILE D 146 32.83 -11.89 10.27
N ASN D 147 33.35 -11.20 9.26
CA ASN D 147 34.58 -10.40 9.36
C ASN D 147 35.77 -11.29 9.72
N ASN D 158 36.13 -11.54 4.51
CA ASN D 158 35.65 -12.50 3.51
C ASN D 158 34.15 -12.31 3.26
N LYS D 159 33.62 -12.98 2.24
CA LYS D 159 32.20 -12.91 1.90
C LYS D 159 31.37 -13.96 2.62
N GLU D 160 31.68 -14.25 3.88
CA GLU D 160 30.94 -15.22 4.67
C GLU D 160 29.85 -14.53 5.48
N TYR D 161 28.66 -15.14 5.48
CA TYR D 161 27.50 -14.58 6.18
C TYR D 161 26.81 -15.68 6.97
N ARG D 162 25.87 -15.25 7.82
CA ARG D 162 25.02 -16.14 8.58
C ARG D 162 23.64 -15.49 8.70
N LEU D 163 22.64 -16.30 9.04
CA LEU D 163 21.31 -15.75 9.25
C LEU D 163 21.29 -14.87 10.50
N ILE D 164 20.39 -13.88 10.49
CA ILE D 164 20.39 -12.84 11.51
C ILE D 164 20.09 -13.41 12.89
N ASN D 165 19.33 -14.49 12.94
CA ASN D 165 18.76 -14.98 14.20
C ASN D 165 19.60 -16.05 14.87
N CYS D 166 20.71 -16.49 14.28
CA CYS D 166 21.37 -17.71 14.75
C CYS D 166 21.95 -17.58 16.16
N ASN D 167 22.28 -16.38 16.62
CA ASN D 167 22.84 -16.21 17.96
C ASN D 167 21.80 -15.84 19.01
N THR D 168 20.60 -15.46 18.60
CA THR D 168 19.58 -15.02 19.55
C THR D 168 18.37 -15.94 19.63
N SER D 169 17.99 -16.58 18.52
CA SER D 169 16.69 -17.25 18.47
C SER D 169 16.78 -18.48 17.58
N ALA D 170 15.93 -19.46 17.89
CA ALA D 170 15.67 -20.53 16.94
C ALA D 170 14.61 -20.07 15.96
N ILE D 171 14.63 -20.64 14.76
CA ILE D 171 13.81 -20.17 13.65
C ILE D 171 12.88 -21.29 13.18
N THR D 172 11.64 -20.94 12.88
CA THR D 172 10.62 -21.89 12.44
C THR D 172 9.89 -21.28 11.25
N GLN D 173 9.98 -21.92 10.09
CA GLN D 173 9.31 -21.39 8.91
C GLN D 173 7.82 -21.71 8.96
N ALA D 174 7.01 -20.77 8.48
CA ALA D 174 5.57 -20.96 8.50
C ALA D 174 5.17 -22.01 7.48
N CYS D 175 4.27 -22.90 7.88
CA CYS D 175 3.72 -23.88 6.96
C CYS D 175 3.11 -23.15 5.77
N PRO D 176 3.61 -23.37 4.55
CA PRO D 176 3.23 -22.49 3.42
C PRO D 176 1.77 -22.59 3.02
N LYS D 177 1.00 -23.53 3.56
CA LYS D 177 -0.42 -23.60 3.24
C LYS D 177 -1.26 -22.63 4.05
N VAL D 178 -0.69 -21.97 5.06
CA VAL D 178 -1.42 -21.04 5.91
C VAL D 178 -1.41 -19.66 5.26
N SER D 179 -2.49 -18.92 5.47
CA SER D 179 -2.67 -17.59 4.90
C SER D 179 -2.49 -16.53 5.99
N PHE D 180 -1.66 -15.53 5.71
CA PHE D 180 -1.48 -14.41 6.63
C PHE D 180 -2.54 -13.34 6.46
N GLU D 181 -3.43 -13.48 5.49
CA GLU D 181 -4.44 -12.45 5.22
C GLU D 181 -5.40 -12.34 6.41
N PRO D 182 -5.51 -11.16 7.03
CA PRO D 182 -6.45 -11.02 8.14
C PRO D 182 -7.89 -11.24 7.71
N ILE D 183 -8.64 -11.94 8.55
CA ILE D 183 -10.06 -12.21 8.30
C ILE D 183 -10.86 -11.55 9.42
N PRO D 184 -11.98 -10.89 9.12
CA PRO D 184 -12.76 -10.23 10.17
C PRO D 184 -13.13 -11.14 11.32
N ILE D 185 -12.70 -10.77 12.53
CA ILE D 185 -13.01 -11.50 13.75
C ILE D 185 -14.08 -10.74 14.52
N HIS D 186 -15.12 -11.45 14.93
CA HIS D 186 -16.15 -10.91 15.83
C HIS D 186 -15.95 -11.50 17.22
N TYR D 187 -15.92 -10.64 18.22
CA TYR D 187 -15.81 -11.06 19.62
C TYR D 187 -17.20 -11.06 20.25
N CYS D 188 -17.53 -12.14 20.94
CA CYS D 188 -18.84 -12.30 21.57
C CYS D 188 -18.69 -12.66 23.03
N ALA D 189 -19.60 -12.14 23.86
CA ALA D 189 -19.63 -12.47 25.27
C ALA D 189 -20.56 -13.66 25.52
N PRO D 190 -20.25 -14.48 26.53
CA PRO D 190 -21.10 -15.63 26.83
C PRO D 190 -22.46 -15.21 27.34
N ALA D 191 -23.38 -16.17 27.37
CA ALA D 191 -24.71 -15.92 27.91
C ALA D 191 -24.61 -15.45 29.36
N GLY D 192 -25.50 -14.55 29.74
CA GLY D 192 -25.41 -13.89 31.02
C GLY D 192 -24.47 -12.71 31.07
N PHE D 193 -23.73 -12.45 29.99
CA PHE D 193 -22.90 -11.27 29.84
C PHE D 193 -23.39 -10.47 28.63
N ALA D 194 -22.81 -9.29 28.44
CA ALA D 194 -23.24 -8.42 27.35
C ALA D 194 -22.08 -7.53 26.91
N ILE D 195 -22.17 -7.05 25.67
CA ILE D 195 -21.23 -6.10 25.11
C ILE D 195 -21.96 -4.78 24.91
N LEU D 196 -21.46 -3.72 25.55
CA LEU D 196 -22.05 -2.40 25.43
C LEU D 196 -21.22 -1.56 24.47
N LYS D 197 -21.84 -1.09 23.39
CA LYS D 197 -21.17 -0.24 22.41
C LYS D 197 -21.50 1.23 22.70
N CYS D 198 -20.51 2.09 22.50
CA CYS D 198 -20.68 3.54 22.63
C CYS D 198 -20.96 4.12 21.25
N LYS D 199 -22.20 4.54 21.02
CA LYS D 199 -22.63 5.07 19.73
C LYS D 199 -22.27 6.54 19.53
N ASP D 200 -21.55 7.16 20.47
CA ASP D 200 -21.25 8.59 20.38
C ASP D 200 -20.27 8.84 19.25
N LYS D 201 -20.68 9.62 18.26
CA LYS D 201 -19.88 9.86 17.06
C LYS D 201 -18.66 10.74 17.33
N LYS D 202 -18.59 11.40 18.47
CA LYS D 202 -17.43 12.21 18.86
C LYS D 202 -16.91 11.77 20.23
N PHE D 203 -16.80 10.46 20.40
CA PHE D 203 -16.41 9.86 21.66
C PHE D 203 -14.90 9.90 21.85
N ASN D 204 -14.47 10.18 23.08
CA ASN D 204 -13.04 10.38 23.34
C ASN D 204 -12.32 9.06 23.58
N GLY D 205 -12.98 8.10 24.23
CA GLY D 205 -12.32 6.88 24.65
C GLY D 205 -12.57 6.62 26.12
N THR D 206 -12.71 7.70 26.89
CA THR D 206 -13.04 7.64 28.31
C THR D 206 -14.18 8.62 28.59
N GLY D 207 -14.85 8.39 29.72
CA GLY D 207 -15.89 9.29 30.17
C GLY D 207 -17.28 8.75 29.95
N PRO D 208 -18.29 9.52 30.37
CA PRO D 208 -19.68 9.05 30.24
C PRO D 208 -20.20 9.14 28.83
N CYS D 209 -20.31 8.00 28.15
CA CYS D 209 -20.85 7.98 26.81
C CYS D 209 -22.37 8.03 26.88
N PRO D 210 -23.02 9.06 26.33
CA PRO D 210 -24.48 9.15 26.39
C PRO D 210 -25.20 8.06 25.59
N SER D 211 -25.02 8.05 24.28
CA SER D 211 -25.68 7.04 23.45
C SER D 211 -25.01 5.68 23.65
N VAL D 212 -25.78 4.69 24.07
CA VAL D 212 -25.27 3.36 24.41
C VAL D 212 -26.20 2.31 23.83
N SER D 213 -25.63 1.29 23.20
CA SER D 213 -26.39 0.15 22.69
C SER D 213 -25.67 -1.14 23.05
N THR D 214 -26.43 -2.22 23.15
CA THR D 214 -25.91 -3.54 23.51
C THR D 214 -25.89 -4.44 22.27
N VAL D 215 -24.86 -5.28 22.18
CA VAL D 215 -24.69 -6.19 21.06
C VAL D 215 -24.24 -7.54 21.58
N GLN D 216 -24.67 -8.60 20.89
CA GLN D 216 -24.21 -9.94 21.24
C GLN D 216 -22.76 -10.15 20.83
N CYS D 217 -22.34 -9.53 19.74
CA CYS D 217 -20.97 -9.65 19.25
C CYS D 217 -20.50 -8.29 18.74
N THR D 218 -19.18 -8.11 18.74
CA THR D 218 -18.61 -6.91 18.15
C THR D 218 -18.58 -7.02 16.64
N HIS D 219 -18.34 -5.89 15.98
CA HIS D 219 -18.28 -5.87 14.52
C HIS D 219 -17.04 -6.63 14.04
N GLY D 220 -16.94 -6.78 12.72
CA GLY D 220 -15.81 -7.47 12.12
C GLY D 220 -14.49 -6.73 12.32
N ILE D 221 -13.59 -7.31 13.09
CA ILE D 221 -12.29 -6.72 13.39
C ILE D 221 -11.23 -7.56 12.69
N LYS D 222 -10.57 -6.99 11.69
CA LYS D 222 -9.47 -7.68 11.04
C LYS D 222 -8.23 -7.58 11.91
N PRO D 223 -7.61 -8.69 12.29
CA PRO D 223 -6.39 -8.62 13.12
C PRO D 223 -5.16 -8.24 12.30
N VAL D 224 -5.10 -6.98 11.90
CA VAL D 224 -3.98 -6.47 11.11
C VAL D 224 -2.95 -5.89 12.08
N VAL D 225 -1.73 -6.42 12.04
CA VAL D 225 -0.62 -5.90 12.85
C VAL D 225 0.23 -5.02 11.96
N SER D 226 0.19 -3.71 12.19
CA SER D 226 0.98 -2.75 11.45
C SER D 226 1.61 -1.75 12.41
N THR D 227 2.59 -1.00 11.92
CA THR D 227 3.31 -0.03 12.71
C THR D 227 3.11 1.37 12.13
N GLN D 228 3.05 2.36 13.03
CA GLN D 228 2.90 3.77 12.68
C GLN D 228 1.55 4.05 12.03
N LEU D 229 1.26 3.38 10.91
CA LEU D 229 0.04 3.60 10.16
C LEU D 229 -0.92 2.44 10.41
N LEU D 230 -2.16 2.77 10.79
CA LEU D 230 -3.18 1.77 11.05
C LEU D 230 -3.94 1.49 9.76
N LEU D 231 -3.92 0.24 9.31
CA LEU D 231 -4.43 -0.14 8.01
C LEU D 231 -5.73 -0.91 8.12
N ASN D 232 -6.57 -0.78 7.09
CA ASN D 232 -7.80 -1.57 6.93
C ASN D 232 -8.70 -1.50 8.16
N GLY D 233 -8.60 -0.43 8.94
CA GLY D 233 -9.36 -0.28 10.16
C GLY D 233 -10.68 0.45 9.93
N SER D 234 -11.32 0.80 11.04
CA SER D 234 -12.58 1.52 11.01
C SER D 234 -12.35 3.02 10.97
N LEU D 235 -13.36 3.74 10.47
CA LEU D 235 -13.27 5.18 10.28
C LEU D 235 -14.26 5.90 11.18
N ALA D 236 -13.89 7.11 11.57
CA ALA D 236 -14.81 7.96 12.31
C ALA D 236 -15.90 8.50 11.39
N GLU D 237 -17.04 8.84 11.99
CA GLU D 237 -18.14 9.40 11.22
C GLU D 237 -18.15 10.92 11.21
N GLU D 238 -17.49 11.56 12.18
CA GLU D 238 -17.40 13.00 12.24
C GLU D 238 -16.01 13.39 12.68
N GLU D 239 -15.46 14.43 12.04
CA GLU D 239 -14.15 15.01 12.40
C GLU D 239 -13.10 13.90 12.32
N VAL D 240 -12.10 13.90 13.19
CA VAL D 240 -11.09 12.85 13.22
C VAL D 240 -10.56 12.80 14.65
N MET D 241 -11.02 11.82 15.42
CA MET D 241 -10.76 11.82 16.85
C MET D 241 -9.29 11.56 17.15
N ILE D 242 -8.90 11.93 18.37
CA ILE D 242 -7.54 11.77 18.87
C ILE D 242 -7.66 11.26 20.30
N ARG D 243 -7.05 10.11 20.58
CA ARG D 243 -7.29 9.40 21.83
C ARG D 243 -5.97 9.11 22.52
N SER D 244 -5.83 9.60 23.75
CA SER D 244 -4.74 9.21 24.63
C SER D 244 -5.24 9.29 26.06
N GLU D 245 -4.59 8.53 26.96
CA GLU D 245 -5.04 8.53 28.33
C GLU D 245 -4.58 9.79 29.08
N ASN D 246 -3.36 10.24 28.80
CA ASN D 246 -2.86 11.51 29.35
C ASN D 246 -2.16 12.23 28.18
N ILE D 247 -2.94 13.01 27.43
CA ILE D 247 -2.39 13.72 26.28
C ILE D 247 -1.34 14.73 26.72
N THR D 248 -1.52 15.33 27.89
CA THR D 248 -0.51 16.23 28.43
C THR D 248 0.79 15.50 28.74
N ASN D 249 0.75 14.17 28.87
CA ASN D 249 1.96 13.37 29.02
C ASN D 249 2.47 12.98 27.64
N ASN D 250 3.76 13.21 27.42
CA ASN D 250 4.37 12.91 26.13
C ASN D 250 4.73 11.44 25.95
N ALA D 251 4.66 10.63 27.00
CA ALA D 251 5.03 9.24 26.94
C ALA D 251 3.84 8.30 26.73
N LYS D 252 2.66 8.84 26.44
CA LYS D 252 1.48 8.04 26.15
C LYS D 252 1.12 8.23 24.68
N ASN D 253 1.10 7.12 23.93
CA ASN D 253 0.96 7.19 22.48
C ASN D 253 -0.38 7.82 22.09
N ILE D 254 -0.33 8.74 21.15
CA ILE D 254 -1.53 9.36 20.60
C ILE D 254 -2.07 8.46 19.50
N LEU D 255 -3.34 8.07 19.62
CA LEU D 255 -3.99 7.21 18.64
C LEU D 255 -5.03 8.05 17.90
N VAL D 256 -4.68 8.51 16.70
CA VAL D 256 -5.61 9.29 15.89
C VAL D 256 -6.35 8.34 14.95
N GLN D 257 -7.57 8.70 14.61
CA GLN D 257 -8.43 7.84 13.78
C GLN D 257 -9.12 8.70 12.73
N PHE D 258 -8.76 8.50 11.48
CA PHE D 258 -9.31 9.30 10.39
C PHE D 258 -10.80 9.02 10.21
N ASN D 259 -11.47 9.94 9.52
CA ASN D 259 -12.83 9.72 9.04
C ASN D 259 -12.89 9.41 7.56
N THR D 260 -11.89 9.87 6.81
CA THR D 260 -11.71 9.56 5.41
C THR D 260 -10.52 8.63 5.23
N PRO D 261 -10.61 7.64 4.35
CA PRO D 261 -9.47 6.73 4.15
C PRO D 261 -8.48 7.24 3.12
N VAL D 262 -7.24 7.46 3.54
CA VAL D 262 -6.18 7.86 2.61
C VAL D 262 -5.54 6.58 2.07
N GLN D 263 -5.74 6.32 0.78
CA GLN D 263 -5.37 5.05 0.20
C GLN D 263 -3.86 4.93 0.02
N ILE D 264 -3.35 3.71 0.14
CA ILE D 264 -1.93 3.42 -0.03
C ILE D 264 -1.78 2.17 -0.89
N ASN D 265 -0.87 2.22 -1.86
CA ASN D 265 -0.61 1.09 -2.76
C ASN D 265 0.82 0.63 -2.56
N CYS D 266 0.98 -0.58 -2.05
CA CYS D 266 2.28 -1.19 -1.85
C CYS D 266 2.49 -2.33 -2.83
N THR D 267 3.75 -2.60 -3.15
CA THR D 267 4.07 -3.64 -4.11
C THR D 267 5.52 -4.06 -3.96
N ARG D 268 5.79 -5.33 -4.29
CA ARG D 268 7.13 -5.84 -4.50
C ARG D 268 7.21 -6.34 -5.94
N PRO D 269 7.75 -5.54 -6.87
CA PRO D 269 7.68 -5.91 -8.29
C PRO D 269 8.57 -7.09 -8.67
N ASN D 270 9.51 -7.50 -7.83
CA ASN D 270 10.41 -8.60 -8.17
C ASN D 270 9.62 -9.90 -8.27
N ASN D 271 9.68 -10.53 -9.45
CA ASN D 271 9.01 -11.81 -9.70
C ASN D 271 9.91 -12.92 -9.14
N ASN D 272 9.63 -13.36 -7.92
CA ASN D 272 10.46 -14.34 -7.24
C ASN D 272 9.96 -15.76 -7.49
N THR D 273 10.88 -16.72 -7.38
CA THR D 273 10.58 -18.13 -7.52
C THR D 273 10.97 -18.86 -6.24
N ARG D 274 10.10 -19.75 -5.78
CA ARG D 274 10.33 -20.53 -4.58
C ARG D 274 10.90 -21.89 -4.96
N LYS D 275 12.09 -22.19 -4.46
CA LYS D 275 12.76 -23.47 -4.70
C LYS D 275 12.74 -24.27 -3.41
N SER D 276 12.14 -25.46 -3.45
CA SER D 276 12.09 -26.32 -2.28
C SER D 276 13.39 -27.11 -2.14
N ILE D 277 13.87 -27.21 -0.90
CA ILE D 277 15.12 -27.89 -0.59
C ILE D 277 14.85 -28.92 0.49
N ARG D 278 15.13 -30.18 0.22
CA ARG D 278 14.91 -31.25 1.18
C ARG D 278 16.04 -31.24 2.21
N ILE D 279 15.75 -30.79 3.42
CA ILE D 279 16.73 -30.75 4.49
C ILE D 279 16.62 -31.95 5.42
N GLY D 280 15.76 -32.91 5.11
CA GLY D 280 15.60 -34.09 5.92
C GLY D 280 14.36 -34.86 5.55
N PRO D 281 14.18 -36.03 6.17
CA PRO D 281 12.96 -36.81 5.92
C PRO D 281 11.73 -36.04 6.37
N GLY D 282 10.82 -35.80 5.43
CA GLY D 282 9.64 -35.01 5.69
C GLY D 282 9.87 -33.53 5.87
N GLN D 283 11.12 -33.08 5.91
CA GLN D 283 11.44 -31.68 6.13
C GLN D 283 11.91 -31.04 4.82
N ALA D 284 11.31 -29.92 4.47
CA ALA D 284 11.66 -29.20 3.25
C ALA D 284 11.78 -27.71 3.56
N PHE D 285 12.90 -27.12 3.18
CA PHE D 285 13.11 -25.68 3.32
C PHE D 285 12.80 -25.00 1.99
N TYR D 286 11.95 -23.98 2.04
CA TYR D 286 11.54 -23.26 0.85
C TYR D 286 12.50 -22.08 0.65
N ALA D 287 13.44 -22.25 -0.26
CA ALA D 287 14.41 -21.23 -0.60
C ALA D 287 13.87 -20.34 -1.73
N THR D 288 14.59 -19.24 -1.98
CA THR D 288 14.24 -18.32 -3.05
C THR D 288 15.10 -18.67 -4.27
N GLY D 289 14.45 -19.19 -5.31
CA GLY D 289 15.15 -19.65 -6.50
C GLY D 289 15.95 -18.56 -7.18
N ASP D 290 15.28 -17.73 -7.98
CA ASP D 290 15.92 -16.57 -8.57
C ASP D 290 14.85 -15.52 -8.81
N ILE D 291 15.22 -14.46 -9.52
CA ILE D 291 14.29 -13.38 -9.84
C ILE D 291 14.09 -13.35 -11.36
N ILE D 292 12.84 -13.46 -11.78
CA ILE D 292 12.50 -13.39 -13.20
C ILE D 292 12.31 -11.93 -13.57
N GLY D 293 13.08 -11.46 -14.55
CA GLY D 293 12.97 -10.10 -15.02
C GLY D 293 13.75 -9.09 -14.19
N ASP D 294 13.24 -7.88 -14.07
CA ASP D 294 14.01 -6.81 -13.45
C ASP D 294 14.10 -6.99 -11.94
N ILE D 295 15.25 -6.61 -11.38
CA ILE D 295 15.42 -6.52 -9.94
C ILE D 295 15.10 -5.08 -9.55
N ARG D 296 13.87 -4.84 -9.11
CA ARG D 296 13.40 -3.50 -8.80
C ARG D 296 13.21 -3.33 -7.29
N GLN D 297 12.74 -2.14 -6.92
CA GLN D 297 12.60 -1.74 -5.53
C GLN D 297 11.15 -1.83 -5.09
N ALA D 298 10.90 -2.50 -3.97
CA ALA D 298 9.57 -2.53 -3.38
C ALA D 298 9.29 -1.20 -2.70
N HIS D 299 8.03 -0.75 -2.78
CA HIS D 299 7.69 0.59 -2.35
C HIS D 299 6.19 0.69 -2.15
N CYS D 300 5.76 1.85 -1.65
CA CYS D 300 4.35 2.17 -1.47
C CYS D 300 4.06 3.57 -1.96
N ASN D 301 2.91 3.75 -2.61
CA ASN D 301 2.43 5.06 -3.00
C ASN D 301 1.27 5.48 -2.12
N VAL D 302 1.16 6.78 -1.89
CA VAL D 302 0.02 7.37 -1.22
C VAL D 302 -0.19 8.76 -1.82
N SER D 303 -1.43 9.05 -2.21
CA SER D 303 -1.74 10.32 -2.88
C SER D 303 -1.27 11.51 -2.03
N LYS D 304 -0.39 12.32 -2.62
CA LYS D 304 0.15 13.47 -1.92
C LYS D 304 -0.96 14.45 -1.53
N ALA D 305 -2.00 14.57 -2.36
CA ALA D 305 -3.10 15.47 -2.05
C ALA D 305 -3.88 14.98 -0.84
N THR D 306 -4.32 13.72 -0.87
CA THR D 306 -5.15 13.20 0.23
C THR D 306 -4.36 13.11 1.52
N TRP D 307 -3.06 12.78 1.44
CA TRP D 307 -2.27 12.70 2.66
C TRP D 307 -2.07 14.06 3.29
N ASN D 308 -1.95 15.12 2.49
CA ASN D 308 -1.80 16.45 3.05
C ASN D 308 -3.10 16.94 3.67
N GLU D 309 -4.23 16.67 2.99
CA GLU D 309 -5.53 17.05 3.53
C GLU D 309 -5.81 16.32 4.83
N THR D 310 -5.60 15.01 4.85
CA THR D 310 -5.85 14.23 6.06
C THR D 310 -4.85 14.58 7.16
N LEU D 311 -3.62 14.95 6.80
CA LEU D 311 -2.66 15.39 7.79
C LEU D 311 -3.01 16.77 8.35
N GLY D 312 -3.80 17.55 7.62
CA GLY D 312 -4.25 18.84 8.11
C GLY D 312 -5.38 18.69 9.12
N LYS D 313 -6.26 17.72 8.87
CA LYS D 313 -7.34 17.44 9.82
C LYS D 313 -6.78 17.03 11.17
N VAL D 314 -5.73 16.20 11.17
CA VAL D 314 -5.06 15.82 12.42
C VAL D 314 -4.49 17.05 13.11
N VAL D 315 -4.00 18.01 12.33
CA VAL D 315 -3.47 19.25 12.91
C VAL D 315 -4.60 20.04 13.58
N LYS D 316 -5.75 20.15 12.90
CA LYS D 316 -6.86 20.91 13.48
C LYS D 316 -7.32 20.32 14.79
N GLN D 317 -7.45 18.99 14.85
CA GLN D 317 -7.89 18.34 16.09
C GLN D 317 -6.80 18.33 17.14
N LEU D 318 -5.53 18.30 16.73
CA LEU D 318 -4.44 18.46 17.68
C LEU D 318 -4.41 19.85 18.28
N ARG D 319 -4.96 20.85 17.58
CA ARG D 319 -4.98 22.21 18.11
C ARG D 319 -5.83 22.31 19.36
N LYS D 320 -6.91 21.52 19.44
CA LYS D 320 -7.82 21.59 20.59
C LYS D 320 -7.12 21.20 21.88
N HIS D 321 -5.99 20.50 21.81
CA HIS D 321 -5.26 20.09 23.00
C HIS D 321 -4.01 20.92 23.24
N PHE D 322 -3.70 21.88 22.35
CA PHE D 322 -2.49 22.66 22.49
C PHE D 322 -2.64 24.14 22.15
N GLY D 323 -3.81 24.57 21.71
CA GLY D 323 -4.06 25.99 21.51
C GLY D 323 -4.15 26.37 20.04
N ASN D 324 -5.03 27.33 19.74
CA ASN D 324 -5.21 27.81 18.38
C ASN D 324 -3.97 28.52 17.84
N ASN D 325 -3.07 28.96 18.71
CA ASN D 325 -1.90 29.72 18.30
C ASN D 325 -0.63 28.89 18.16
N THR D 326 -0.55 27.75 18.84
CA THR D 326 0.68 26.97 18.84
C THR D 326 0.95 26.37 17.46
N ILE D 327 2.19 25.92 17.28
CA ILE D 327 2.66 25.35 16.03
C ILE D 327 3.09 23.92 16.27
N ILE D 328 2.55 22.99 15.47
CA ILE D 328 2.90 21.58 15.58
C ILE D 328 3.63 21.14 14.32
N ARG D 329 4.55 20.20 14.48
CA ARG D 329 5.42 19.75 13.41
C ARG D 329 5.47 18.23 13.40
N PHE D 330 5.64 17.67 12.21
CA PHE D 330 5.77 16.22 12.03
C PHE D 330 7.19 15.88 11.61
N ALA D 331 7.82 14.96 12.34
CA ALA D 331 9.15 14.46 12.03
C ALA D 331 9.10 12.94 11.95
N ASN D 332 10.16 12.35 11.41
CA ASN D 332 10.19 10.90 11.28
C ASN D 332 10.55 10.25 12.60
N SER D 333 10.64 8.92 12.61
CA SER D 333 10.91 8.18 13.82
C SER D 333 12.27 8.55 14.40
N SER D 334 12.35 8.59 15.73
CA SER D 334 13.55 9.02 16.44
C SER D 334 14.43 7.84 16.87
N GLY D 335 14.24 6.67 16.29
CA GLY D 335 15.04 5.51 16.61
C GLY D 335 14.21 4.38 17.17
N GLY D 336 14.90 3.29 17.51
CA GLY D 336 14.25 2.09 18.00
C GLY D 336 14.55 0.88 17.14
N ASP D 337 13.73 -0.16 17.26
CA ASP D 337 13.92 -1.34 16.43
C ASP D 337 13.42 -1.08 15.01
N LEU D 338 13.81 -1.96 14.08
CA LEU D 338 13.43 -1.78 12.69
C LEU D 338 11.92 -1.85 12.51
N GLU D 339 11.24 -2.70 13.29
CA GLU D 339 9.80 -2.83 13.17
C GLU D 339 9.07 -1.54 13.55
N VAL D 340 9.66 -0.74 14.44
CA VAL D 340 9.00 0.45 14.95
C VAL D 340 9.46 1.73 14.28
N THR D 341 10.66 1.74 13.69
CA THR D 341 11.14 2.93 12.98
C THR D 341 10.55 3.06 11.58
N THR D 342 9.87 2.03 11.08
CA THR D 342 9.32 2.02 9.74
C THR D 342 7.85 1.62 9.81
N HIS D 343 7.13 1.87 8.71
CA HIS D 343 5.77 1.36 8.55
C HIS D 343 5.87 -0.11 8.17
N SER D 344 6.00 -0.95 9.19
CA SER D 344 6.11 -2.39 8.98
C SER D 344 4.74 -3.02 9.02
N PHE D 345 4.50 -3.95 8.11
CA PHE D 345 3.21 -4.60 7.97
C PHE D 345 3.41 -5.85 7.11
N ASN D 346 2.31 -6.51 6.77
CA ASN D 346 2.35 -7.72 5.96
C ASN D 346 1.50 -7.51 4.71
N CYS D 347 2.10 -7.75 3.54
CA CYS D 347 1.45 -7.53 2.26
C CYS D 347 1.60 -8.79 1.42
N GLY D 348 0.52 -9.56 1.31
CA GLY D 348 0.54 -10.76 0.50
C GLY D 348 1.54 -11.81 0.91
N GLY D 349 1.94 -11.84 2.17
CA GLY D 349 2.87 -12.86 2.62
C GLY D 349 4.20 -12.31 3.10
N GLU D 350 4.79 -11.40 2.33
CA GLU D 350 6.05 -10.80 2.70
C GLU D 350 5.84 -9.64 3.66
N PHE D 351 6.84 -9.41 4.52
CA PHE D 351 6.76 -8.40 5.57
C PHE D 351 7.52 -7.16 5.11
N PHE D 352 6.78 -6.10 4.79
CA PHE D 352 7.38 -4.86 4.32
C PHE D 352 7.86 -4.01 5.48
N TYR D 353 8.87 -3.18 5.22
CA TYR D 353 9.43 -2.26 6.21
C TYR D 353 9.68 -0.94 5.48
N CYS D 354 8.70 -0.05 5.53
CA CYS D 354 8.67 1.12 4.67
C CYS D 354 9.17 2.36 5.38
N ASN D 355 10.15 3.02 4.79
CA ASN D 355 10.59 4.33 5.25
C ASN D 355 9.44 5.32 5.16
N THR D 356 9.22 6.08 6.24
CA THR D 356 8.13 7.03 6.31
C THR D 356 8.61 8.47 6.53
N SER D 357 9.86 8.77 6.17
CA SER D 357 10.33 10.15 6.29
C SER D 357 9.60 11.09 5.34
N GLY D 358 8.98 10.56 4.29
CA GLY D 358 8.22 11.40 3.37
C GLY D 358 6.82 11.73 3.81
N LEU D 359 6.29 10.96 4.77
CA LEU D 359 4.95 11.22 5.30
C LEU D 359 4.95 12.17 6.48
N PHE D 360 6.02 12.17 7.27
CA PHE D 360 6.13 12.98 8.48
C PHE D 360 7.34 13.89 8.33
N ASN D 361 7.15 14.97 7.56
CA ASN D 361 8.19 15.94 7.27
C ASN D 361 7.50 17.27 6.95
N SER D 362 6.78 17.80 7.94
CA SER D 362 5.94 18.97 7.71
C SER D 362 5.81 19.78 9.00
N THR D 363 5.96 21.09 8.88
CA THR D 363 5.68 22.04 9.96
C THR D 363 4.47 22.87 9.57
N TRP D 364 3.53 23.01 10.50
CA TRP D 364 2.27 23.68 10.24
C TRP D 364 2.16 24.97 11.05
N ILE D 365 1.66 26.02 10.40
CA ILE D 365 1.61 27.35 10.98
C ILE D 365 0.35 27.50 11.83
N SER D 366 0.30 28.58 12.63
CA SER D 366 -0.84 28.78 13.53
C SER D 366 -2.16 28.86 12.78
N ASN D 367 -2.14 29.45 11.58
CA ASN D 367 -3.36 29.54 10.77
C ASN D 367 -3.00 29.80 9.31
N GLY D 377 1.64 19.61 -5.43
CA GLY D 377 1.26 18.28 -5.89
C GLY D 377 -0.02 18.27 -6.71
N SER D 378 -1.12 17.83 -6.08
CA SER D 378 -2.45 17.80 -6.69
C SER D 378 -2.53 16.88 -7.90
N ASN D 379 -1.43 16.19 -8.22
CA ASN D 379 -1.39 15.32 -9.38
C ASN D 379 -0.62 14.04 -9.06
N ASP D 380 0.63 14.19 -8.62
CA ASP D 380 1.48 13.05 -8.33
C ASP D 380 1.24 12.56 -6.90
N SER D 381 1.92 11.47 -6.55
CA SER D 381 1.84 10.88 -5.22
C SER D 381 3.24 10.78 -4.63
N ILE D 382 3.28 10.65 -3.30
CA ILE D 382 4.54 10.49 -2.59
C ILE D 382 4.81 9.00 -2.41
N THR D 383 6.05 8.59 -2.69
CA THR D 383 6.42 7.18 -2.64
C THR D 383 7.22 6.89 -1.37
N LEU D 384 7.20 5.63 -0.97
CA LEU D 384 7.83 5.18 0.27
C LEU D 384 8.72 3.98 -0.03
N PRO D 385 10.04 4.12 0.07
CA PRO D 385 10.92 2.97 -0.18
C PRO D 385 10.85 1.97 0.96
N CYS D 386 10.47 0.73 0.63
CA CYS D 386 10.33 -0.34 1.61
C CYS D 386 11.41 -1.39 1.42
N ARG D 387 11.98 -1.83 2.53
CA ARG D 387 12.83 -3.01 2.56
C ARG D 387 12.02 -4.20 3.05
N ILE D 388 12.51 -5.40 2.76
CA ILE D 388 11.76 -6.63 3.00
C ILE D 388 12.61 -7.56 3.86
N LYS D 389 11.97 -8.15 4.88
CA LYS D 389 12.60 -9.12 5.75
C LYS D 389 11.89 -10.46 5.60
N GLN D 390 12.63 -11.54 5.86
CA GLN D 390 12.04 -12.87 5.92
C GLN D 390 12.15 -13.50 7.29
N ILE D 391 13.24 -13.26 8.01
CA ILE D 391 13.40 -13.75 9.38
C ILE D 391 12.89 -12.63 10.29
N ILE D 392 11.63 -12.72 10.66
CA ILE D 392 11.01 -11.75 11.57
C ILE D 392 10.90 -12.36 12.95
N ASN D 393 11.18 -11.55 13.97
CA ASN D 393 11.21 -12.02 15.35
C ASN D 393 9.86 -11.84 16.02
N MET D 394 9.62 -12.65 17.04
CA MET D 394 8.45 -12.46 17.88
C MET D 394 8.63 -11.21 18.73
N TRP D 395 7.55 -10.43 18.86
CA TRP D 395 7.65 -9.14 19.53
C TRP D 395 7.80 -9.30 21.04
N GLN D 396 7.05 -10.22 21.64
CA GLN D 396 7.07 -10.35 23.09
C GLN D 396 8.35 -11.01 23.57
N ARG D 397 8.49 -12.31 23.31
CA ARG D 397 9.63 -13.05 23.82
C ARG D 397 10.87 -12.82 22.97
N ILE D 398 12.01 -13.28 23.48
CA ILE D 398 13.26 -13.29 22.73
C ILE D 398 13.78 -14.73 22.72
N GLY D 399 14.25 -15.17 21.56
CA GLY D 399 14.57 -16.57 21.34
C GLY D 399 13.57 -17.27 20.44
N GLN D 400 12.60 -16.55 19.90
CA GLN D 400 11.55 -17.12 19.06
C GLN D 400 11.41 -16.25 17.82
N ALA D 401 11.71 -16.83 16.66
CA ALA D 401 11.65 -16.10 15.40
C ALA D 401 11.04 -16.98 14.32
N MET D 402 10.39 -16.35 13.35
CA MET D 402 9.70 -17.04 12.27
C MET D 402 10.38 -16.74 10.94
N TYR D 403 10.40 -17.74 10.06
CA TYR D 403 10.85 -17.56 8.68
C TYR D 403 9.63 -17.48 7.78
N ALA D 404 9.43 -16.34 7.13
CA ALA D 404 8.35 -16.19 6.18
C ALA D 404 8.76 -16.79 4.84
N PRO D 405 8.11 -17.86 4.38
CA PRO D 405 8.54 -18.49 3.13
C PRO D 405 8.41 -17.54 1.96
N PRO D 406 9.19 -17.74 0.90
CA PRO D 406 9.18 -16.79 -0.21
C PRO D 406 7.89 -16.87 -1.00
N ILE D 407 7.30 -15.69 -1.25
CA ILE D 407 6.08 -15.59 -2.04
C ILE D 407 6.47 -15.48 -3.52
N GLN D 408 5.83 -16.29 -4.35
CA GLN D 408 6.14 -16.30 -5.78
C GLN D 408 5.32 -15.25 -6.52
N GLY D 409 5.86 -14.80 -7.64
CA GLY D 409 5.16 -13.83 -8.46
C GLY D 409 5.38 -12.40 -7.98
N VAL D 410 4.54 -11.51 -8.50
CA VAL D 410 4.59 -10.10 -8.16
C VAL D 410 3.53 -9.81 -7.10
N ILE D 411 3.94 -9.10 -6.04
CA ILE D 411 3.05 -8.78 -4.94
C ILE D 411 2.59 -7.33 -5.07
N ARG D 412 1.31 -7.11 -4.85
CA ARG D 412 0.77 -5.75 -4.77
C ARG D 412 -0.52 -5.79 -3.99
N CYS D 413 -0.60 -5.00 -2.93
CA CYS D 413 -1.78 -4.89 -2.09
C CYS D 413 -2.26 -3.45 -2.06
N VAL D 414 -3.57 -3.27 -1.98
CA VAL D 414 -4.20 -1.95 -1.93
C VAL D 414 -5.05 -1.89 -0.67
N SER D 415 -4.72 -0.97 0.24
CA SER D 415 -5.40 -0.88 1.52
C SER D 415 -5.56 0.58 1.93
N ASN D 416 -6.28 0.78 3.03
CA ASN D 416 -6.61 2.11 3.54
C ASN D 416 -5.79 2.40 4.79
N ILE D 417 -5.24 3.61 4.88
CA ILE D 417 -4.68 4.12 6.12
C ILE D 417 -5.82 4.81 6.85
N THR D 418 -6.25 4.22 7.98
CA THR D 418 -7.40 4.72 8.72
C THR D 418 -7.04 5.26 10.09
N GLY D 419 -5.75 5.34 10.42
CA GLY D 419 -5.34 5.87 11.70
C GLY D 419 -3.84 5.97 11.77
N LEU D 420 -3.37 6.49 12.90
CA LEU D 420 -1.93 6.65 13.13
C LEU D 420 -1.62 6.33 14.58
N ILE D 421 -0.33 6.15 14.86
CA ILE D 421 0.19 5.98 16.21
C ILE D 421 1.32 6.99 16.34
N LEU D 422 1.04 8.11 17.00
CA LEU D 422 1.97 9.23 17.07
C LEU D 422 2.62 9.30 18.45
N THR D 423 3.58 10.21 18.57
CA THR D 423 4.32 10.40 19.81
C THR D 423 4.78 11.84 19.93
N ARG D 424 4.44 12.47 21.06
CA ARG D 424 4.86 13.83 21.35
C ARG D 424 6.16 13.82 22.15
N ASP D 425 6.93 14.89 22.01
CA ASP D 425 8.24 14.98 22.65
C ASP D 425 8.29 15.97 23.81
N GLY D 426 7.22 16.72 24.07
CA GLY D 426 7.21 17.66 25.18
C GLY D 426 7.62 19.07 24.80
N THR D 433 6.47 24.74 17.76
CA THR D 433 6.61 24.47 19.18
C THR D 433 6.47 22.98 19.49
N GLU D 434 5.32 22.41 19.11
CA GLU D 434 5.08 20.99 19.33
C GLU D 434 5.55 20.17 18.13
N THR D 435 5.91 18.92 18.40
CA THR D 435 6.40 18.01 17.38
C THR D 435 5.85 16.61 17.63
N PHE D 436 5.47 15.93 16.54
CA PHE D 436 4.86 14.61 16.62
C PHE D 436 5.53 13.68 15.62
N ARG D 437 6.02 12.55 16.12
CA ARG D 437 6.66 11.51 15.34
C ARG D 437 5.95 10.18 15.59
N PRO D 438 6.05 9.22 14.66
CA PRO D 438 5.31 7.97 14.83
C PRO D 438 6.04 6.91 15.63
N GLY D 439 5.54 5.70 15.59
CA GLY D 439 6.11 4.57 16.30
C GLY D 439 5.01 3.62 16.75
N GLY D 440 5.29 2.90 17.83
CA GLY D 440 4.31 2.03 18.43
C GLY D 440 4.50 0.55 18.15
N GLY D 441 5.43 -0.07 18.85
CA GLY D 441 5.67 -1.50 18.73
C GLY D 441 4.78 -2.36 19.61
N ASP D 442 3.79 -1.79 20.26
CA ASP D 442 2.89 -2.53 21.15
C ASP D 442 1.69 -3.00 20.35
N MET D 443 1.47 -4.32 20.34
CA MET D 443 0.43 -4.89 19.49
C MET D 443 -0.97 -4.51 19.97
N ARG D 444 -1.13 -4.18 21.26
CA ARG D 444 -2.45 -3.89 21.78
C ARG D 444 -2.89 -2.46 21.51
N ASP D 445 -1.97 -1.58 21.10
CA ASP D 445 -2.39 -0.27 20.59
C ASP D 445 -3.19 -0.41 19.31
N ASN D 446 -2.86 -1.42 18.49
CA ASN D 446 -3.68 -1.71 17.30
C ASN D 446 -5.11 -2.06 17.71
N TRP D 447 -5.26 -2.94 18.70
CA TRP D 447 -6.58 -3.42 19.06
C TRP D 447 -7.38 -2.37 19.82
N ARG D 448 -6.71 -1.44 20.50
CA ARG D 448 -7.43 -0.34 21.14
C ARG D 448 -8.14 0.52 20.11
N SER D 449 -7.57 0.66 18.92
CA SER D 449 -8.17 1.47 17.87
C SER D 449 -9.47 0.89 17.33
N GLU D 450 -9.82 -0.33 17.71
CA GLU D 450 -11.04 -0.97 17.26
C GLU D 450 -11.99 -1.35 18.38
N LEU D 451 -11.47 -1.59 19.59
CA LEU D 451 -12.28 -2.00 20.72
C LEU D 451 -12.61 -0.86 21.67
N TYR D 452 -12.29 0.38 21.30
CA TYR D 452 -12.58 1.51 22.18
C TYR D 452 -14.07 1.71 22.40
N LYS D 453 -14.90 1.27 21.45
CA LYS D 453 -16.34 1.44 21.56
C LYS D 453 -16.99 0.43 22.51
N TYR D 454 -16.33 -0.71 22.74
CA TYR D 454 -16.96 -1.84 23.39
C TYR D 454 -16.56 -1.95 24.85
N LYS D 455 -17.43 -2.61 25.63
CA LYS D 455 -17.26 -2.78 27.06
C LYS D 455 -18.00 -4.04 27.48
N VAL D 456 -17.36 -4.84 28.34
CA VAL D 456 -17.92 -6.11 28.81
C VAL D 456 -18.57 -5.90 30.17
N VAL D 457 -19.84 -6.29 30.28
CA VAL D 457 -20.58 -6.22 31.53
C VAL D 457 -21.29 -7.56 31.74
N LYS D 458 -21.52 -7.89 33.01
CA LYS D 458 -22.25 -9.10 33.38
C LYS D 458 -23.66 -8.74 33.82
N ILE D 459 -24.61 -9.60 33.50
CA ILE D 459 -26.01 -9.38 33.85
C ILE D 459 -26.27 -9.94 35.24
N GLU D 460 -27.04 -9.20 36.03
CA GLU D 460 -27.45 -9.63 37.36
C GLU D 460 -28.96 -9.52 37.43
N PRO D 461 -29.67 -10.57 37.02
CA PRO D 461 -31.13 -10.46 36.83
C PRO D 461 -31.94 -10.59 38.11
N LEU D 462 -31.33 -10.76 39.28
CA LEU D 462 -32.06 -10.87 40.53
C LEU D 462 -32.19 -9.49 41.15
N GLY D 463 -33.43 -9.05 41.37
CA GLY D 463 -33.68 -7.76 41.97
C GLY D 463 -34.76 -7.78 43.02
N VAL D 464 -34.49 -7.17 44.19
CA VAL D 464 -35.43 -7.09 45.28
C VAL D 464 -35.80 -5.62 45.49
N ALA D 465 -37.08 -5.37 45.76
CA ALA D 465 -37.60 -4.02 45.87
C ALA D 465 -38.88 -4.07 46.69
N PRO D 466 -39.24 -2.99 47.38
CA PRO D 466 -40.45 -3.01 48.20
C PRO D 466 -41.71 -2.74 47.39
N THR D 467 -42.77 -3.44 47.78
CA THR D 467 -44.13 -3.15 47.32
C THR D 467 -45.09 -3.81 48.29
N ARG D 468 -46.36 -3.39 48.22
CA ARG D 468 -47.38 -3.88 49.15
C ARG D 468 -47.93 -5.25 48.76
N CYS D 469 -47.06 -6.18 48.39
CA CYS D 469 -47.45 -7.53 48.01
C CYS D 469 -46.85 -8.53 49.00
N LYS D 470 -47.69 -9.41 49.53
CA LYS D 470 -47.27 -10.39 50.52
C LYS D 470 -47.68 -11.78 50.08
N ARG D 471 -46.83 -12.77 50.35
CA ARG D 471 -47.12 -14.16 50.00
C ARG D 471 -48.28 -14.69 50.83
N ARG D 472 -48.91 -15.75 50.33
CA ARG D 472 -50.06 -16.40 50.97
C ARG D 472 -51.18 -15.40 51.24
N GLN E 1 23.47 14.61 -44.32
CA GLN E 1 23.83 15.80 -43.56
C GLN E 1 25.14 15.60 -42.79
N VAL E 2 25.30 14.45 -42.15
CA VAL E 2 26.47 14.14 -41.34
C VAL E 2 27.17 12.92 -41.93
N GLN E 3 28.44 13.08 -42.26
CA GLN E 3 29.27 11.98 -42.74
C GLN E 3 30.62 12.02 -42.04
N LEU E 4 31.25 10.85 -41.93
CA LEU E 4 32.52 10.71 -41.24
C LEU E 4 33.54 10.08 -42.18
N GLN E 5 34.81 10.44 -41.98
CA GLN E 5 35.89 9.98 -42.84
C GLN E 5 37.11 9.70 -41.98
N GLU E 6 37.58 8.46 -41.99
CA GLU E 6 38.76 8.06 -41.22
C GLU E 6 40.03 8.37 -42.01
N SER E 7 41.16 8.28 -41.30
CA SER E 7 42.47 8.47 -41.91
C SER E 7 43.52 7.90 -40.97
N GLY E 8 44.39 7.05 -41.50
CA GLY E 8 45.40 6.39 -40.70
C GLY E 8 46.68 6.08 -41.46
N PRO E 9 47.67 5.53 -40.75
CA PRO E 9 48.95 5.24 -41.42
C PRO E 9 48.85 4.10 -42.42
N GLY E 10 48.09 3.06 -42.10
CA GLY E 10 48.04 1.86 -42.92
C GLY E 10 49.09 0.84 -42.55
N LEU E 11 50.27 1.30 -42.15
CA LEU E 11 51.36 0.43 -41.71
C LEU E 11 51.96 1.02 -40.45
N VAL E 12 52.00 0.23 -39.39
CA VAL E 12 52.62 0.63 -38.13
C VAL E 12 53.50 -0.52 -37.66
N LYS E 13 54.69 -0.19 -37.16
CA LYS E 13 55.62 -1.21 -36.72
C LYS E 13 55.15 -1.82 -35.40
N PRO E 14 55.52 -3.07 -35.13
CA PRO E 14 55.17 -3.67 -33.84
C PRO E 14 55.76 -2.89 -32.68
N SER E 15 55.00 -2.81 -31.59
CA SER E 15 55.38 -2.06 -30.39
C SER E 15 55.59 -0.57 -30.72
N GLU E 16 54.52 0.05 -31.20
CA GLU E 16 54.55 1.45 -31.57
C GLU E 16 53.14 2.02 -31.48
N THR E 17 53.06 3.32 -31.20
CA THR E 17 51.77 3.98 -30.99
C THR E 17 51.05 4.15 -32.33
N LEU E 18 50.01 3.36 -32.54
CA LEU E 18 49.10 3.59 -33.65
C LEU E 18 48.29 4.86 -33.40
N SER E 19 47.95 5.56 -34.48
CA SER E 19 47.23 6.82 -34.34
C SER E 19 46.37 7.04 -35.58
N LEU E 20 45.07 7.20 -35.38
CA LEU E 20 44.13 7.49 -36.44
C LEU E 20 43.32 8.72 -36.08
N THR E 21 42.72 9.33 -37.11
CA THR E 21 41.85 10.49 -36.93
C THR E 21 40.57 10.29 -37.73
N CYS E 22 39.54 11.08 -37.39
CA CYS E 22 38.24 10.95 -37.99
C CYS E 22 37.59 12.32 -38.06
N THR E 23 37.10 12.69 -39.24
CA THR E 23 36.54 14.01 -39.50
C THR E 23 35.04 13.92 -39.69
N VAL E 24 34.30 14.83 -39.05
CA VAL E 24 32.85 14.91 -39.19
C VAL E 24 32.52 16.00 -40.19
N SER E 25 31.59 15.71 -41.11
CA SER E 25 31.25 16.60 -42.21
C SER E 25 29.76 16.93 -42.12
N GLY E 26 29.44 18.20 -41.87
CA GLY E 26 28.06 18.63 -41.83
C GLY E 26 27.58 19.01 -40.46
N GLY E 27 27.88 18.19 -39.46
CA GLY E 27 27.52 18.44 -38.08
C GLY E 27 28.74 18.81 -37.23
N SER E 28 28.45 19.05 -35.95
CA SER E 28 29.50 19.37 -34.99
C SER E 28 30.01 18.09 -34.33
N ILE E 29 30.90 18.24 -33.36
CA ILE E 29 31.56 17.09 -32.75
C ILE E 29 31.35 17.09 -31.24
N SER E 30 31.23 18.28 -30.64
CA SER E 30 31.11 18.41 -29.19
C SER E 30 29.67 18.28 -28.71
N ASN E 31 28.77 17.78 -29.55
CA ASN E 31 27.37 17.59 -29.15
C ASN E 31 26.87 16.18 -29.41
N TYR E 32 27.76 15.23 -29.71
CA TYR E 32 27.37 13.86 -29.94
C TYR E 32 28.37 12.92 -29.29
N TYR E 33 28.01 11.63 -29.26
CA TYR E 33 28.90 10.58 -28.81
C TYR E 33 29.55 9.92 -30.03
N TRP E 34 30.82 9.56 -29.90
CA TRP E 34 31.59 8.98 -31.00
C TRP E 34 32.32 7.74 -30.52
N SER E 35 32.30 6.69 -31.34
CA SER E 35 32.88 5.39 -30.98
C SER E 35 33.88 4.95 -32.03
N TRP E 36 34.91 4.25 -31.57
CA TRP E 36 35.88 3.59 -32.43
C TRP E 36 35.62 2.10 -32.44
N ILE E 37 35.52 1.52 -33.64
CA ILE E 37 35.25 0.10 -33.82
C ILE E 37 36.24 -0.46 -34.82
N ARG E 38 36.81 -1.63 -34.52
CA ARG E 38 37.70 -2.32 -35.43
C ARG E 38 37.18 -3.72 -35.70
N GLN E 39 37.56 -4.27 -36.87
CA GLN E 39 37.10 -5.58 -37.29
C GLN E 39 38.28 -6.33 -37.91
N SER E 40 38.84 -7.26 -37.15
CA SER E 40 39.97 -8.06 -37.60
C SER E 40 39.48 -9.22 -38.47
N PRO E 41 40.34 -9.78 -39.32
CA PRO E 41 39.93 -10.94 -40.12
C PRO E 41 39.66 -12.15 -39.24
N GLY E 42 38.50 -12.75 -39.44
CA GLY E 42 38.07 -13.88 -38.62
C GLY E 42 37.32 -13.50 -37.37
N LYS E 43 37.87 -12.57 -36.60
CA LYS E 43 37.19 -12.07 -35.41
C LYS E 43 36.10 -11.09 -35.81
N GLY E 44 35.08 -11.00 -34.95
CA GLY E 44 33.93 -10.15 -35.23
C GLY E 44 34.24 -8.68 -35.02
N LEU E 45 33.17 -7.89 -35.02
CA LEU E 45 33.29 -6.47 -34.70
C LEU E 45 33.65 -6.29 -33.23
N GLU E 46 34.61 -5.42 -32.96
CA GLU E 46 35.09 -5.19 -31.60
C GLU E 46 34.92 -3.71 -31.28
N TRP E 47 34.17 -3.43 -30.21
CA TRP E 47 34.00 -2.06 -29.73
C TRP E 47 35.23 -1.65 -28.93
N ILE E 48 35.90 -0.60 -29.38
CA ILE E 48 37.13 -0.14 -28.74
C ILE E 48 36.84 0.81 -27.60
N GLY E 49 35.97 1.79 -27.82
CA GLY E 49 35.62 2.74 -26.79
C GLY E 49 34.69 3.79 -27.34
N TYR E 50 34.46 4.84 -26.54
CA TYR E 50 33.64 5.95 -27.00
C TYR E 50 33.95 7.17 -26.17
N ILE E 51 33.49 8.32 -26.66
CA ILE E 51 33.70 9.60 -26.00
C ILE E 51 32.39 10.39 -26.03
N SER E 52 32.14 11.15 -24.97
CA SER E 52 30.86 11.81 -24.78
C SER E 52 30.83 13.15 -25.51
N ASP E 53 29.70 13.84 -25.38
CA ASP E 53 29.61 15.21 -25.88
C ASP E 53 30.34 16.16 -24.94
N SER E 54 30.46 15.80 -23.68
CA SER E 54 31.27 16.53 -22.72
C SER E 54 32.72 16.06 -22.70
N GLU E 55 33.10 15.24 -23.69
CA GLU E 55 34.49 14.76 -23.84
C GLU E 55 34.93 13.87 -22.68
N SER E 56 33.99 13.11 -22.11
CA SER E 56 34.31 12.10 -21.12
C SER E 56 34.51 10.76 -21.82
N THR E 57 35.45 9.97 -21.30
CA THR E 57 35.94 8.79 -21.99
C THR E 57 35.59 7.52 -21.23
N ASN E 58 35.50 6.41 -21.96
CA ASN E 58 35.18 5.10 -21.39
C ASN E 58 35.66 4.04 -22.38
N TYR E 59 36.71 3.32 -22.00
CA TYR E 59 37.34 2.35 -22.88
C TYR E 59 36.83 0.93 -22.60
N ASN E 60 36.84 0.11 -23.64
CA ASN E 60 36.59 -1.32 -23.48
C ASN E 60 37.70 -1.93 -22.63
N PRO E 61 37.36 -2.69 -21.58
CA PRO E 61 38.41 -3.33 -20.77
C PRO E 61 39.24 -4.35 -21.55
N SER E 62 38.81 -4.74 -22.75
CA SER E 62 39.61 -5.66 -23.55
C SER E 62 40.95 -5.03 -23.93
N LEU E 63 40.95 -3.73 -24.22
CA LEU E 63 42.16 -2.97 -24.53
C LEU E 63 42.17 -1.64 -23.78
N LYS E 64 41.73 -1.67 -22.51
CA LYS E 64 41.68 -0.45 -21.71
C LYS E 64 43.08 0.06 -21.38
N SER E 65 44.03 -0.85 -21.16
CA SER E 65 45.35 -0.48 -20.66
C SER E 65 46.19 0.27 -21.68
N ARG E 66 45.77 0.32 -22.96
CA ARG E 66 46.67 0.85 -23.97
C ARG E 66 45.94 1.65 -25.06
N VAL E 67 44.72 2.13 -24.80
CA VAL E 67 43.96 2.91 -25.75
C VAL E 67 43.68 4.28 -25.14
N ILE E 68 43.88 5.32 -25.94
CA ILE E 68 43.59 6.70 -25.55
C ILE E 68 42.83 7.36 -26.69
N ILE E 69 41.61 7.80 -26.42
CA ILE E 69 40.77 8.48 -27.41
C ILE E 69 40.73 9.96 -27.06
N SER E 70 40.80 10.81 -28.09
CA SER E 70 40.83 12.24 -27.90
C SER E 70 39.79 12.91 -28.80
N VAL E 71 39.78 14.23 -28.79
CA VAL E 71 38.81 15.01 -29.57
C VAL E 71 39.37 16.43 -29.70
N ASP E 72 39.15 17.03 -30.87
CA ASP E 72 39.55 18.42 -31.13
C ASP E 72 38.35 19.17 -31.68
N THR E 73 37.83 20.11 -30.90
CA THR E 73 36.62 20.83 -31.25
C THR E 73 36.88 22.07 -32.10
N SER E 74 38.15 22.48 -32.26
CA SER E 74 38.46 23.58 -33.17
C SER E 74 37.86 23.34 -34.55
N LYS E 75 37.95 22.11 -35.05
CA LYS E 75 37.15 21.66 -36.17
C LYS E 75 36.30 20.48 -35.71
N ASN E 76 36.09 19.49 -36.58
CA ASN E 76 35.33 18.31 -36.18
C ASN E 76 36.18 17.06 -36.30
N GLN E 77 37.30 17.02 -35.58
CA GLN E 77 38.23 15.90 -35.61
C GLN E 77 38.32 15.25 -34.24
N LEU E 78 38.26 13.92 -34.22
CA LEU E 78 38.49 13.13 -33.02
C LEU E 78 39.49 12.03 -33.36
N SER E 79 40.48 11.85 -32.49
CA SER E 79 41.60 10.96 -32.76
C SER E 79 41.54 9.71 -31.89
N LEU E 80 42.41 8.77 -32.21
CA LEU E 80 42.55 7.52 -31.47
C LEU E 80 44.03 7.18 -31.39
N LYS E 81 44.51 6.82 -30.20
CA LYS E 81 45.90 6.44 -30.01
C LYS E 81 45.96 5.09 -29.34
N LEU E 82 46.57 4.13 -30.01
CA LEU E 82 46.72 2.77 -29.49
C LEU E 82 48.20 2.40 -29.57
N ASN E 83 48.82 2.19 -28.42
CA ASN E 83 50.24 1.86 -28.36
C ASN E 83 50.43 0.37 -28.13
N SER E 84 51.70 -0.05 -28.19
CA SER E 84 52.07 -1.45 -27.97
C SER E 84 51.33 -2.39 -28.92
N VAL E 85 51.18 -1.96 -30.17
CA VAL E 85 50.39 -2.73 -31.13
C VAL E 85 51.10 -4.05 -31.45
N THR E 86 50.31 -5.10 -31.59
CA THR E 86 50.79 -6.42 -31.97
C THR E 86 50.25 -6.77 -33.36
N ALA E 87 50.57 -7.98 -33.82
CA ALA E 87 50.07 -8.43 -35.10
C ALA E 87 48.55 -8.53 -35.12
N ALA E 88 47.94 -8.82 -33.98
CA ALA E 88 46.50 -8.92 -33.88
C ALA E 88 45.79 -7.58 -33.87
N ASP E 89 46.53 -6.47 -33.93
CA ASP E 89 45.94 -5.14 -33.94
C ASP E 89 45.62 -4.63 -35.34
N SER E 90 45.99 -5.37 -36.38
CA SER E 90 45.70 -4.98 -37.75
C SER E 90 44.24 -5.29 -38.06
N ALA E 91 43.49 -4.28 -38.50
CA ALA E 91 42.07 -4.44 -38.80
C ALA E 91 41.61 -3.22 -39.58
N ILE E 92 40.32 -3.19 -39.88
CA ILE E 92 39.67 -2.03 -40.49
C ILE E 92 39.02 -1.25 -39.35
N TYR E 93 39.61 -0.11 -39.01
CA TYR E 93 39.14 0.70 -37.88
C TYR E 93 38.05 1.64 -38.38
N TYR E 94 36.82 1.44 -37.90
CA TYR E 94 35.68 2.25 -38.28
C TYR E 94 35.44 3.34 -37.25
N CYS E 95 34.71 4.38 -37.69
CA CYS E 95 34.42 5.54 -36.87
C CYS E 95 32.94 5.86 -37.03
N ALA E 96 32.22 5.92 -35.91
CA ALA E 96 30.77 6.07 -35.96
C ALA E 96 30.29 6.95 -34.82
N ARG E 97 29.14 7.58 -35.04
CA ARG E 97 28.50 8.42 -34.05
C ARG E 97 27.59 7.57 -33.16
N ALA E 98 27.78 7.65 -31.86
CA ALA E 98 26.97 6.93 -30.90
C ALA E 98 25.82 7.81 -30.41
N GLN E 99 24.65 7.20 -30.25
CA GLN E 99 23.45 7.90 -29.79
C GLN E 99 23.01 7.29 -28.46
N GLN E 100 22.95 8.12 -27.42
CA GLN E 100 22.61 7.64 -26.09
C GLN E 100 21.13 7.35 -25.99
N GLY E 101 20.79 6.17 -25.53
CA GLY E 101 19.41 5.78 -25.26
C GLY E 101 19.24 5.43 -23.80
N LYS E 102 18.15 5.87 -23.22
CA LYS E 102 17.86 5.66 -21.80
C LYS E 102 16.68 4.71 -21.69
N ARG E 103 16.98 3.43 -21.46
CA ARG E 103 15.93 2.42 -21.28
C ARG E 103 15.45 2.45 -19.84
N ILE E 104 14.16 2.73 -19.66
CA ILE E 104 13.55 2.86 -18.34
C ILE E 104 12.60 1.68 -18.15
N TYR E 105 12.84 0.89 -17.12
CA TYR E 105 11.99 -0.26 -16.80
C TYR E 105 11.22 -0.09 -15.50
N GLY E 106 11.79 0.59 -14.51
CA GLY E 106 11.10 0.80 -13.25
C GLY E 106 10.85 2.26 -12.94
N MET E 107 11.37 2.72 -11.81
CA MET E 107 11.19 4.09 -11.35
C MET E 107 12.49 4.85 -11.54
N VAL E 108 12.43 5.97 -12.28
CA VAL E 108 13.61 6.79 -12.48
C VAL E 108 14.10 7.37 -11.17
N SER E 109 13.22 7.51 -10.19
CA SER E 109 13.60 8.05 -8.89
C SER E 109 14.56 7.11 -8.16
N PHE E 110 14.33 5.80 -8.27
CA PHE E 110 15.21 4.80 -7.68
C PHE E 110 16.37 4.42 -8.60
N GLY E 111 16.48 5.04 -9.77
CA GLY E 111 17.53 4.70 -10.70
C GLY E 111 17.30 3.43 -11.48
N GLU E 112 16.04 2.99 -11.61
CA GLU E 112 15.72 1.73 -12.28
C GLU E 112 15.70 1.97 -13.79
N PHE E 113 16.87 2.28 -14.32
CA PHE E 113 17.07 2.48 -15.75
C PHE E 113 18.54 2.24 -16.06
N PHE E 114 18.84 2.13 -17.35
CA PHE E 114 20.21 1.96 -17.79
C PHE E 114 20.39 2.62 -19.15
N TYR E 115 21.59 3.11 -19.40
CA TYR E 115 21.93 3.75 -20.67
C TYR E 115 22.49 2.73 -21.65
N TYR E 116 22.10 2.86 -22.91
CA TYR E 116 22.65 2.05 -23.99
C TYR E 116 23.06 2.97 -25.13
N TYR E 117 24.15 2.62 -25.81
CA TYR E 117 24.68 3.41 -26.92
C TYR E 117 24.60 2.61 -28.20
N TYR E 118 24.22 3.27 -29.29
CA TYR E 118 24.16 2.64 -30.60
C TYR E 118 24.74 3.58 -31.65
N MET E 119 25.43 3.00 -32.62
CA MET E 119 26.05 3.76 -33.70
C MET E 119 25.09 3.82 -34.88
N ASP E 120 24.71 5.03 -35.27
CA ASP E 120 23.72 5.21 -36.34
C ASP E 120 24.32 5.66 -37.67
N VAL E 121 25.46 6.35 -37.65
CA VAL E 121 26.15 6.74 -38.87
C VAL E 121 27.62 6.38 -38.72
N TRP E 122 28.14 5.61 -39.66
CA TRP E 122 29.51 5.11 -39.62
C TRP E 122 30.37 5.81 -40.67
N GLY E 123 31.67 5.57 -40.56
CA GLY E 123 32.62 5.99 -41.57
C GLY E 123 32.70 4.98 -42.70
N LYS E 124 33.87 4.93 -43.34
CA LYS E 124 34.12 3.97 -44.39
C LYS E 124 35.21 2.96 -44.04
N GLY E 125 36.05 3.26 -43.08
CA GLY E 125 37.07 2.35 -42.63
C GLY E 125 38.45 2.77 -43.09
N THR E 126 39.45 2.46 -42.27
CA THR E 126 40.85 2.70 -42.60
C THR E 126 41.61 1.40 -42.39
N THR E 127 42.19 0.88 -43.47
CA THR E 127 42.96 -0.36 -43.36
C THR E 127 44.29 -0.08 -42.69
N VAL E 128 44.58 -0.82 -41.63
CA VAL E 128 45.83 -0.67 -40.88
C VAL E 128 46.47 -2.04 -40.73
N THR E 129 47.76 -2.14 -41.07
CA THR E 129 48.51 -3.39 -40.99
C THR E 129 49.68 -3.21 -40.05
N VAL E 130 49.84 -4.14 -39.11
CA VAL E 130 50.97 -4.16 -38.19
C VAL E 130 51.95 -5.19 -38.71
N SER E 131 53.14 -4.73 -39.13
CA SER E 131 54.13 -5.62 -39.71
C SER E 131 55.50 -5.00 -39.57
N SER E 132 56.50 -5.84 -39.35
CA SER E 132 57.88 -5.38 -39.35
C SER E 132 58.36 -5.02 -40.74
N ALA E 133 57.71 -5.53 -41.78
CA ALA E 133 58.10 -5.26 -43.15
C ALA E 133 57.91 -3.78 -43.49
N SER E 134 58.59 -3.35 -44.56
CA SER E 134 58.59 -1.97 -45.00
C SER E 134 57.62 -1.77 -46.17
N THR E 135 57.16 -0.54 -46.31
CA THR E 135 56.25 -0.20 -47.39
C THR E 135 56.99 -0.21 -48.73
N LYS E 136 56.23 -0.47 -49.80
CA LYS E 136 56.77 -0.43 -51.15
C LYS E 136 55.68 -0.03 -52.12
N GLY E 137 55.93 1.01 -52.90
CA GLY E 137 55.01 1.42 -53.93
C GLY E 137 54.88 0.37 -55.02
N PRO E 138 53.74 0.34 -55.71
CA PRO E 138 53.51 -0.70 -56.71
C PRO E 138 54.30 -0.49 -58.00
N SER E 139 54.03 -1.33 -58.99
CA SER E 139 54.60 -1.21 -60.33
C SER E 139 53.45 -1.40 -61.32
N VAL E 140 53.05 -0.33 -61.99
CA VAL E 140 51.88 -0.35 -62.85
C VAL E 140 52.30 -0.70 -64.27
N PHE E 141 51.59 -1.65 -64.89
CA PHE E 141 51.86 -2.08 -66.25
C PHE E 141 50.55 -2.08 -67.04
N PRO E 142 50.54 -1.52 -68.25
CA PRO E 142 49.30 -1.47 -69.03
C PRO E 142 48.98 -2.80 -69.69
N LEU E 143 47.69 -3.06 -69.83
CA LEU E 143 47.19 -4.28 -70.48
C LEU E 143 46.34 -3.84 -71.67
N ALA E 144 46.97 -3.74 -72.84
CA ALA E 144 46.29 -3.25 -74.03
C ALA E 144 45.29 -4.27 -74.53
N PRO E 145 44.19 -3.82 -75.15
CA PRO E 145 43.17 -4.76 -75.66
C PRO E 145 43.48 -5.27 -77.05
N SER E 146 42.46 -5.79 -77.73
CA SER E 146 42.61 -6.27 -79.10
C SER E 146 41.27 -6.23 -79.84
N GLY E 153 31.47 -7.53 -80.18
CA GLY E 153 30.74 -6.37 -79.72
C GLY E 153 31.63 -5.27 -79.15
N THR E 154 32.27 -5.57 -78.01
CA THR E 154 33.14 -4.62 -77.33
C THR E 154 34.49 -5.27 -77.03
N ALA E 155 35.36 -4.50 -76.39
CA ALA E 155 36.69 -4.97 -76.00
C ALA E 155 36.96 -4.51 -74.58
N ALA E 156 38.04 -5.02 -74.00
CA ALA E 156 38.39 -4.74 -72.61
C ALA E 156 39.89 -4.54 -72.48
N LEU E 157 40.27 -3.44 -71.82
CA LEU E 157 41.65 -3.14 -71.51
C LEU E 157 41.83 -3.10 -69.99
N GLY E 158 43.08 -3.16 -69.55
CA GLY E 158 43.38 -3.35 -68.15
C GLY E 158 44.53 -2.49 -67.67
N CYS E 159 44.83 -2.63 -66.38
CA CYS E 159 45.91 -1.90 -65.73
C CYS E 159 46.41 -2.79 -64.59
N LEU E 160 47.64 -3.29 -64.70
CA LEU E 160 48.17 -4.29 -63.78
C LEU E 160 48.99 -3.61 -62.68
N VAL E 161 48.52 -3.72 -61.45
CA VAL E 161 49.18 -3.11 -60.29
C VAL E 161 49.78 -4.25 -59.47
N LYS E 162 51.09 -4.43 -59.55
CA LYS E 162 51.75 -5.58 -58.96
C LYS E 162 52.82 -5.16 -57.96
N ASP E 163 53.02 -6.02 -56.96
CA ASP E 163 54.08 -5.87 -55.96
C ASP E 163 53.97 -4.55 -55.21
N TYR E 164 53.01 -4.47 -54.29
CA TYR E 164 52.88 -3.35 -53.37
C TYR E 164 52.55 -3.87 -51.99
N PHE E 165 52.69 -2.99 -50.99
CA PHE E 165 52.44 -3.34 -49.60
C PHE E 165 52.35 -2.08 -48.77
N PRO E 166 51.35 -1.97 -47.86
CA PRO E 166 50.29 -2.96 -47.72
C PRO E 166 48.99 -2.55 -48.41
N GLU E 167 47.95 -3.36 -48.22
CA GLU E 167 46.62 -3.01 -48.72
C GLU E 167 46.18 -1.68 -48.10
N PRO E 168 45.41 -0.86 -48.83
CA PRO E 168 44.90 -1.03 -50.18
C PRO E 168 45.50 -0.07 -51.21
N VAL E 169 44.92 -0.07 -52.40
CA VAL E 169 45.30 0.82 -53.49
C VAL E 169 44.04 1.23 -54.24
N THR E 170 43.82 2.53 -54.38
CA THR E 170 42.68 3.06 -55.12
C THR E 170 43.03 3.15 -56.59
N VAL E 171 42.05 2.88 -57.45
CA VAL E 171 42.23 2.92 -58.90
C VAL E 171 41.02 3.59 -59.52
N SER E 172 41.26 4.67 -60.27
CA SER E 172 40.23 5.33 -61.05
C SER E 172 40.70 5.47 -62.49
N TRP E 173 39.75 5.50 -63.42
CA TRP E 173 40.05 5.56 -64.83
C TRP E 173 39.70 6.94 -65.37
N ASN E 174 40.62 7.51 -66.16
CA ASN E 174 40.50 8.87 -66.68
C ASN E 174 40.36 9.88 -65.54
N SER E 175 41.14 9.69 -64.48
CA SER E 175 41.19 10.57 -63.31
C SER E 175 39.82 10.73 -62.66
N GLY E 176 38.90 9.80 -62.88
CA GLY E 176 37.55 9.87 -62.35
C GLY E 176 36.47 10.02 -63.40
N ALA E 177 36.84 10.39 -64.63
CA ALA E 177 35.83 10.55 -65.68
C ALA E 177 35.24 9.20 -66.08
N LEU E 178 36.08 8.25 -66.49
CA LEU E 178 35.62 6.94 -66.89
C LEU E 178 35.13 6.16 -65.67
N THR E 179 33.84 5.81 -65.67
CA THR E 179 33.25 5.08 -64.55
C THR E 179 32.34 3.94 -64.97
N SER E 180 31.84 3.91 -66.20
CA SER E 180 30.96 2.84 -66.64
C SER E 180 31.77 1.63 -67.06
N GLY E 181 31.38 0.45 -66.58
CA GLY E 181 32.07 -0.78 -66.92
C GLY E 181 33.38 -1.01 -66.21
N VAL E 182 33.73 -0.16 -65.24
CA VAL E 182 34.98 -0.35 -64.50
C VAL E 182 34.84 -1.54 -63.56
N HIS E 183 35.93 -2.27 -63.39
CA HIS E 183 35.91 -3.48 -62.55
C HIS E 183 37.33 -3.68 -62.01
N THR E 184 37.52 -3.30 -60.75
CA THR E 184 38.79 -3.51 -60.06
C THR E 184 38.69 -4.78 -59.23
N PHE E 185 39.71 -5.64 -59.34
CA PHE E 185 39.63 -6.95 -58.72
C PHE E 185 40.41 -6.97 -57.42
N PRO E 186 39.93 -7.75 -56.44
CA PRO E 186 40.66 -7.89 -55.18
C PRO E 186 42.11 -8.30 -55.42
N ALA E 187 42.96 -7.98 -54.44
CA ALA E 187 44.39 -8.18 -54.55
C ALA E 187 44.74 -9.66 -54.42
N VAL E 188 46.04 -9.93 -54.44
CA VAL E 188 46.60 -11.28 -54.29
C VAL E 188 47.87 -11.18 -53.47
N LEU E 189 47.95 -11.95 -52.39
CA LEU E 189 49.15 -11.97 -51.56
C LEU E 189 50.06 -13.07 -52.07
N GLN E 190 51.10 -12.68 -52.79
CA GLN E 190 52.06 -13.65 -53.29
C GLN E 190 52.94 -14.16 -52.15
N SER E 191 53.72 -15.21 -52.45
CA SER E 191 54.60 -15.77 -51.42
C SER E 191 55.67 -14.78 -50.99
N SER E 192 56.03 -13.85 -51.87
CA SER E 192 57.01 -12.83 -51.51
C SER E 192 56.52 -11.92 -50.42
N GLY E 193 55.20 -11.79 -50.26
CA GLY E 193 54.63 -10.95 -49.23
C GLY E 193 54.05 -9.64 -49.73
N LEU E 194 53.87 -9.47 -51.03
CA LEU E 194 53.39 -8.23 -51.61
C LEU E 194 52.09 -8.48 -52.37
N TYR E 195 51.21 -7.48 -52.33
CA TYR E 195 49.92 -7.58 -53.00
C TYR E 195 50.06 -7.24 -54.48
N SER E 196 49.10 -7.73 -55.27
CA SER E 196 49.08 -7.49 -56.70
C SER E 196 47.63 -7.36 -57.13
N LEU E 197 47.29 -6.22 -57.73
CA LEU E 197 45.93 -5.88 -58.12
C LEU E 197 45.77 -5.98 -59.63
N SER E 198 44.58 -5.61 -60.10
CA SER E 198 44.29 -5.58 -61.53
C SER E 198 42.95 -4.91 -61.78
N SER E 199 42.95 -3.84 -62.58
CA SER E 199 41.74 -3.09 -62.91
C SER E 199 41.48 -3.18 -64.41
N VAL E 200 40.21 -3.37 -64.76
CA VAL E 200 39.81 -3.59 -66.15
C VAL E 200 38.48 -2.88 -66.40
N VAL E 201 38.38 -2.20 -67.54
CA VAL E 201 37.13 -1.60 -67.98
C VAL E 201 36.76 -2.21 -69.33
N THR E 202 35.46 -2.32 -69.57
CA THR E 202 34.91 -2.75 -70.85
C THR E 202 34.34 -1.55 -71.58
N VAL E 203 34.90 -1.25 -72.75
CA VAL E 203 34.51 -0.07 -73.52
C VAL E 203 34.12 -0.50 -74.92
N PRO E 204 33.36 0.32 -75.64
CA PRO E 204 33.06 0.01 -77.04
C PRO E 204 34.34 -0.14 -77.86
N SER E 205 34.34 -1.12 -78.78
CA SER E 205 35.52 -1.40 -79.57
C SER E 205 35.92 -0.21 -80.44
N SER E 206 34.93 0.50 -80.99
CA SER E 206 35.21 1.64 -81.85
C SER E 206 35.87 2.79 -81.09
N SER E 207 35.75 2.81 -79.76
CA SER E 207 36.39 3.83 -78.95
C SER E 207 37.90 3.70 -78.89
N LEU E 208 38.48 2.68 -79.55
CA LEU E 208 39.92 2.49 -79.53
C LEU E 208 40.67 3.62 -80.23
N GLY E 209 40.01 4.34 -81.15
CA GLY E 209 40.67 5.39 -81.88
C GLY E 209 39.89 6.68 -81.92
N THR E 210 40.26 7.65 -81.09
CA THR E 210 41.31 7.46 -80.11
C THR E 210 40.93 8.13 -78.79
N GLN E 211 40.01 7.49 -78.06
CA GLN E 211 39.63 7.95 -76.73
C GLN E 211 40.74 7.55 -75.76
N THR E 212 41.43 8.54 -75.20
CA THR E 212 42.53 8.26 -74.29
C THR E 212 42.02 7.60 -73.02
N TYR E 213 42.67 6.51 -72.62
CA TYR E 213 42.31 5.75 -71.42
C TYR E 213 43.47 5.83 -70.44
N ILE E 214 43.34 6.72 -69.45
CA ILE E 214 44.39 6.95 -68.46
C ILE E 214 44.00 6.20 -67.19
N CYS E 215 44.85 5.27 -66.77
CA CYS E 215 44.63 4.51 -65.55
C CYS E 215 45.38 5.19 -64.40
N ASN E 216 44.65 5.50 -63.33
CA ASN E 216 45.22 6.17 -62.17
C ASN E 216 45.35 5.18 -61.01
N VAL E 217 46.50 5.21 -60.35
CA VAL E 217 46.80 4.30 -59.24
C VAL E 217 47.40 5.11 -58.11
N ASN E 218 46.87 4.93 -56.90
CA ASN E 218 47.36 5.64 -55.73
C ASN E 218 47.58 4.64 -54.60
N HIS E 219 48.77 4.67 -54.02
CA HIS E 219 49.14 3.83 -52.87
C HIS E 219 49.65 4.75 -51.77
N LYS E 220 48.74 5.19 -50.92
CA LYS E 220 49.08 6.18 -49.89
C LYS E 220 50.15 5.72 -48.91
N PRO E 221 50.20 4.46 -48.45
CA PRO E 221 51.28 4.06 -47.52
C PRO E 221 52.68 4.32 -48.05
N SER E 222 52.84 4.62 -49.33
CA SER E 222 54.15 4.99 -49.88
C SER E 222 54.11 6.33 -50.62
N ASN E 223 52.98 7.05 -50.55
CA ASN E 223 52.75 8.29 -51.29
C ASN E 223 53.31 8.20 -52.71
N THR E 224 52.90 7.15 -53.41
CA THR E 224 53.39 6.85 -54.78
C THR E 224 52.18 6.74 -55.70
N LYS E 225 51.69 7.88 -56.20
CA LYS E 225 50.69 7.88 -57.24
C LYS E 225 51.37 7.76 -58.60
N VAL E 226 50.73 7.05 -59.53
CA VAL E 226 51.27 6.84 -60.86
C VAL E 226 50.12 6.79 -61.86
N ASP E 227 50.44 7.09 -63.12
CA ASP E 227 49.48 7.02 -64.21
C ASP E 227 50.09 6.22 -65.36
N LYS E 228 49.22 5.69 -66.21
CA LYS E 228 49.66 4.91 -67.35
C LYS E 228 48.53 4.85 -68.36
N LYS E 229 48.89 4.92 -69.64
CA LYS E 229 47.92 4.86 -70.73
C LYS E 229 48.00 3.50 -71.40
N VAL E 230 46.87 3.08 -71.99
CA VAL E 230 46.77 1.81 -72.70
C VAL E 230 46.44 2.08 -74.15
N GLU E 231 47.07 1.32 -75.05
CA GLU E 231 46.84 1.44 -76.48
C GLU E 231 47.42 0.23 -77.20
N PRO E 232 46.69 -0.35 -78.16
CA PRO E 232 47.11 -1.55 -78.91
C PRO E 232 48.42 -1.35 -79.66
N SER F 4 34.77 -13.32 -32.85
CA SER F 4 34.00 -14.35 -32.16
C SER F 4 33.50 -15.42 -33.13
N TYR F 5 32.85 -16.45 -32.59
CA TYR F 5 32.34 -17.55 -33.39
C TYR F 5 31.21 -17.07 -34.28
N VAL F 6 30.98 -17.82 -35.37
CA VAL F 6 29.98 -17.48 -36.38
C VAL F 6 28.99 -18.62 -36.49
N ARG F 7 27.70 -18.30 -36.40
CA ARG F 7 26.63 -19.30 -36.51
C ARG F 7 25.91 -19.10 -37.83
N PRO F 8 25.84 -20.11 -38.69
CA PRO F 8 25.27 -19.92 -40.02
C PRO F 8 23.74 -20.05 -40.03
N LEU F 9 23.15 -19.58 -41.13
CA LEU F 9 21.72 -19.67 -41.34
C LEU F 9 21.44 -19.58 -42.84
N SER F 10 20.60 -20.47 -43.35
CA SER F 10 20.22 -20.47 -44.75
C SER F 10 18.72 -20.21 -44.87
N VAL F 11 18.36 -19.24 -45.70
CA VAL F 11 16.97 -18.90 -45.98
C VAL F 11 16.79 -18.85 -47.48
N ALA F 12 15.72 -19.46 -47.98
CA ALA F 12 15.46 -19.48 -49.41
C ALA F 12 15.10 -18.08 -49.90
N LEU F 13 15.35 -17.84 -51.19
CA LEU F 13 15.10 -16.54 -51.79
C LEU F 13 13.61 -16.22 -51.76
N GLY F 14 13.26 -15.09 -51.15
CA GLY F 14 11.88 -14.64 -51.05
C GLY F 14 11.19 -15.01 -49.75
N GLU F 15 11.77 -15.91 -48.96
CA GLU F 15 11.16 -16.33 -47.71
C GLU F 15 11.33 -15.22 -46.66
N THR F 16 11.04 -15.55 -45.40
CA THR F 16 11.20 -14.63 -44.29
C THR F 16 12.24 -15.20 -43.34
N ALA F 17 13.33 -14.47 -43.13
CA ALA F 17 14.40 -14.92 -42.26
C ALA F 17 14.08 -14.58 -40.80
N SER F 18 14.41 -15.51 -39.91
CA SER F 18 14.18 -15.36 -38.48
C SER F 18 15.53 -15.56 -37.78
N ILE F 19 16.17 -14.48 -37.37
CA ILE F 19 17.50 -14.51 -36.77
C ILE F 19 17.32 -14.28 -35.27
N SER F 20 17.41 -15.36 -34.49
CA SER F 20 17.31 -15.26 -33.04
C SER F 20 18.62 -14.75 -32.46
N CYS F 21 18.52 -13.95 -31.41
CA CYS F 21 19.70 -13.32 -30.82
C CYS F 21 20.58 -14.39 -30.17
N GLY F 22 21.84 -14.02 -29.93
CA GLY F 22 22.79 -14.97 -29.38
C GLY F 22 22.59 -15.22 -27.90
N ARG F 23 22.43 -14.15 -27.14
CA ARG F 23 22.25 -14.22 -25.69
C ARG F 23 20.87 -13.71 -25.33
N GLN F 24 20.20 -14.44 -24.45
CA GLN F 24 18.87 -14.06 -23.99
C GLN F 24 18.96 -13.12 -22.79
N ALA F 25 18.01 -12.19 -22.72
CA ALA F 25 18.03 -11.16 -21.69
C ALA F 25 17.58 -11.72 -20.34
N LEU F 26 18.14 -11.14 -19.27
CA LEU F 26 17.72 -11.48 -17.92
C LEU F 26 16.72 -10.50 -17.34
N GLY F 27 16.67 -9.28 -17.87
CA GLY F 27 15.69 -8.29 -17.47
C GLY F 27 15.12 -7.53 -18.66
N SER F 28 14.59 -6.34 -18.41
CA SER F 28 14.13 -5.50 -19.52
C SER F 28 15.30 -5.15 -20.42
N ARG F 29 15.07 -5.22 -21.73
CA ARG F 29 16.13 -5.20 -22.72
C ARG F 29 16.00 -4.02 -23.67
N ALA F 30 17.13 -3.67 -24.28
CA ALA F 30 17.20 -2.67 -25.35
C ALA F 30 18.23 -3.19 -26.35
N VAL F 31 17.77 -3.86 -27.39
CA VAL F 31 18.62 -4.64 -28.28
C VAL F 31 18.81 -3.89 -29.60
N GLN F 32 20.05 -3.83 -30.07
CA GLN F 32 20.39 -3.25 -31.36
C GLN F 32 20.74 -4.35 -32.36
N TRP F 33 20.39 -4.12 -33.62
CA TRP F 33 20.66 -5.05 -34.70
C TRP F 33 21.52 -4.37 -35.75
N TYR F 34 22.68 -4.94 -36.04
CA TYR F 34 23.62 -4.40 -37.02
C TYR F 34 23.79 -5.37 -38.19
N GLN F 35 23.81 -4.82 -39.40
CA GLN F 35 24.11 -5.59 -40.61
C GLN F 35 25.53 -5.27 -41.03
N HIS F 36 26.34 -6.31 -41.25
CA HIS F 36 27.74 -6.12 -41.58
C HIS F 36 28.17 -7.15 -42.61
N ARG F 37 28.62 -6.69 -43.77
CA ARG F 37 29.26 -7.52 -44.75
C ARG F 37 30.75 -7.24 -44.74
N PRO F 38 31.60 -8.26 -44.58
CA PRO F 38 33.04 -8.01 -44.36
C PRO F 38 33.65 -7.16 -45.46
N GLY F 39 34.54 -6.25 -45.05
CA GLY F 39 35.08 -5.27 -45.96
C GLY F 39 34.18 -4.08 -46.19
N GLN F 40 33.30 -3.76 -45.25
CA GLN F 40 32.35 -2.68 -45.41
C GLN F 40 31.88 -2.24 -44.03
N ALA F 41 31.42 -1.00 -43.95
CA ALA F 41 30.97 -0.46 -42.68
C ALA F 41 29.64 -1.09 -42.27
N PRO F 42 29.44 -1.36 -40.98
CA PRO F 42 28.15 -1.90 -40.53
C PRO F 42 27.01 -0.94 -40.81
N ILE F 43 25.79 -1.49 -40.76
CA ILE F 43 24.56 -0.74 -41.05
C ILE F 43 23.60 -1.02 -39.90
N LEU F 44 23.45 -0.03 -39.01
CA LEU F 44 22.52 -0.18 -37.88
C LEU F 44 21.10 -0.38 -38.38
N LEU F 45 20.57 -1.60 -38.22
CA LEU F 45 19.23 -1.91 -38.73
C LEU F 45 18.14 -1.45 -37.77
N ILE F 46 18.31 -1.73 -36.48
CA ILE F 46 17.31 -1.43 -35.46
C ILE F 46 18.04 -1.06 -34.19
N TYR F 47 17.67 0.08 -33.59
CA TYR F 47 18.41 0.55 -32.41
C TYR F 47 17.69 0.22 -31.10
N ASN F 48 16.51 0.80 -30.88
CA ASN F 48 15.71 0.34 -29.76
C ASN F 48 15.21 -1.07 -30.06
N ASN F 49 14.40 -1.64 -29.16
CA ASN F 49 13.98 -3.03 -29.33
C ASN F 49 13.28 -3.24 -30.66
N GLN F 50 12.67 -2.20 -31.21
CA GLN F 50 12.00 -2.32 -32.50
C GLN F 50 12.12 -1.06 -33.35
N ASP F 51 12.74 0.01 -32.87
CA ASP F 51 12.85 1.24 -33.63
C ASP F 51 13.91 1.10 -34.72
N ARG F 52 13.52 1.37 -35.98
CA ARG F 52 14.48 1.29 -37.06
C ARG F 52 14.75 2.67 -37.65
N PRO F 53 16.01 2.99 -37.99
CA PRO F 53 16.32 4.31 -38.55
C PRO F 53 15.79 4.48 -39.96
N SER F 54 16.01 5.66 -40.54
CA SER F 54 15.59 5.93 -41.91
C SER F 54 16.57 5.33 -42.90
N GLY F 55 16.07 5.04 -44.10
CA GLY F 55 16.87 4.38 -45.10
C GLY F 55 16.92 2.88 -44.96
N ILE F 56 15.98 2.29 -44.23
CA ILE F 56 15.92 0.84 -44.02
C ILE F 56 14.48 0.39 -44.22
N PRO F 57 14.22 -0.58 -45.10
CA PRO F 57 12.85 -0.91 -45.46
C PRO F 57 12.08 -1.50 -44.28
N GLU F 58 10.75 -1.52 -44.43
CA GLU F 58 9.86 -2.05 -43.41
C GLU F 58 9.98 -3.56 -43.26
N ARG F 59 10.64 -4.25 -44.19
CA ARG F 59 10.79 -5.70 -44.08
C ARG F 59 11.77 -6.10 -42.99
N PHE F 60 12.56 -5.16 -42.46
CA PHE F 60 13.43 -5.42 -41.33
C PHE F 60 12.69 -5.02 -40.05
N SER F 61 12.36 -6.02 -39.23
CA SER F 61 11.58 -5.79 -38.01
C SER F 61 12.22 -6.52 -36.84
N GLY F 62 12.05 -5.93 -35.65
CA GLY F 62 12.55 -6.54 -34.44
C GLY F 62 11.45 -6.65 -33.40
N THR F 63 11.69 -7.51 -32.41
CA THR F 63 10.66 -7.77 -31.41
C THR F 63 10.75 -6.75 -30.27
N PRO F 64 9.64 -6.13 -29.89
CA PRO F 64 9.66 -5.18 -28.77
C PRO F 64 9.69 -5.92 -27.44
N ASP F 65 9.95 -5.14 -26.39
CA ASP F 65 9.97 -5.66 -25.03
C ASP F 65 8.66 -5.26 -24.37
N ILE F 66 7.62 -6.07 -24.57
CA ILE F 66 6.33 -5.83 -23.95
C ILE F 66 6.30 -6.55 -22.60
N ASN F 67 6.21 -7.88 -22.65
CA ASN F 67 6.30 -8.72 -21.46
C ASN F 67 7.65 -9.42 -21.44
N PHE F 68 8.12 -9.72 -20.23
CA PHE F 68 9.38 -10.45 -20.10
C PHE F 68 9.22 -11.89 -20.56
N GLY F 69 10.28 -12.44 -21.15
CA GLY F 69 10.29 -13.77 -21.70
C GLY F 69 10.40 -13.82 -23.21
N THR F 70 9.95 -12.78 -23.89
CA THR F 70 10.05 -12.73 -25.35
C THR F 70 11.51 -12.65 -25.77
N ARG F 71 11.90 -13.51 -26.69
CA ARG F 71 13.27 -13.52 -27.19
C ARG F 71 13.43 -12.47 -28.28
N ALA F 72 14.64 -11.94 -28.38
CA ALA F 72 14.95 -10.91 -29.38
C ALA F 72 15.28 -11.57 -30.70
N THR F 73 14.44 -11.34 -31.72
CA THR F 73 14.63 -11.94 -33.04
C THR F 73 14.47 -10.86 -34.10
N LEU F 74 15.44 -10.77 -35.00
CA LEU F 74 15.35 -9.91 -36.18
C LEU F 74 14.69 -10.68 -37.31
N THR F 75 13.61 -10.12 -37.86
CA THR F 75 12.86 -10.75 -38.94
C THR F 75 13.08 -9.97 -40.22
N ILE F 76 13.54 -10.66 -41.26
CA ILE F 76 13.78 -10.08 -42.58
C ILE F 76 12.82 -10.77 -43.55
N SER F 77 11.66 -10.16 -43.77
CA SER F 77 10.69 -10.72 -44.69
C SER F 77 11.09 -10.40 -46.13
N GLY F 78 10.84 -11.35 -47.02
CA GLY F 78 11.22 -11.20 -48.41
C GLY F 78 12.71 -11.06 -48.58
N VAL F 79 13.44 -12.15 -48.35
CA VAL F 79 14.90 -12.10 -48.40
C VAL F 79 15.36 -12.02 -49.84
N GLU F 80 16.43 -11.26 -50.07
CA GLU F 80 17.05 -11.12 -51.37
C GLU F 80 18.54 -11.38 -51.25
N ALA F 81 19.21 -11.50 -52.41
CA ALA F 81 20.64 -11.79 -52.42
C ALA F 81 21.46 -10.70 -51.75
N GLY F 82 20.91 -9.47 -51.65
CA GLY F 82 21.61 -8.41 -50.95
C GLY F 82 21.57 -8.56 -49.44
N ASP F 83 20.66 -9.38 -48.92
CA ASP F 83 20.56 -9.60 -47.48
C ASP F 83 21.64 -10.52 -46.93
N GLU F 84 22.56 -10.99 -47.79
CA GLU F 84 23.67 -11.82 -47.32
C GLU F 84 24.69 -10.94 -46.61
N ALA F 85 24.85 -11.17 -45.31
CA ALA F 85 25.80 -10.42 -44.49
C ALA F 85 25.86 -11.08 -43.11
N ASP F 86 26.70 -10.52 -42.25
CA ASP F 86 26.71 -10.90 -40.84
C ASP F 86 25.75 -10.01 -40.07
N TYR F 87 24.96 -10.63 -39.20
CA TYR F 87 23.98 -9.93 -38.38
C TYR F 87 24.39 -10.06 -36.92
N TYR F 88 24.61 -8.91 -36.28
CA TYR F 88 25.02 -8.85 -34.88
C TYR F 88 23.86 -8.39 -34.01
N CYS F 89 23.78 -8.94 -32.80
CA CYS F 89 22.73 -8.62 -31.84
C CYS F 89 23.38 -7.99 -30.61
N HIS F 90 23.49 -6.66 -30.62
CA HIS F 90 24.03 -5.94 -29.48
C HIS F 90 22.98 -5.91 -28.38
N MET F 91 23.18 -6.70 -27.33
CA MET F 91 22.18 -6.93 -26.30
C MET F 91 22.47 -6.11 -25.06
N TRP F 92 21.49 -5.31 -24.64
CA TRP F 92 21.54 -4.56 -23.39
C TRP F 92 20.35 -4.97 -22.53
N ASP F 93 20.57 -5.10 -21.22
CA ASP F 93 19.46 -5.38 -20.32
C ASP F 93 19.75 -4.78 -18.95
N SER F 94 18.69 -4.68 -18.14
CA SER F 94 18.82 -4.09 -16.82
C SER F 94 19.73 -4.92 -15.92
N ARG F 95 19.73 -6.23 -16.10
CA ARG F 95 20.47 -7.12 -15.20
C ARG F 95 21.97 -7.07 -15.46
N SER F 96 22.39 -7.48 -16.65
CA SER F 96 23.81 -7.58 -16.96
C SER F 96 24.45 -6.19 -17.03
N GLY F 97 25.77 -6.18 -17.18
CA GLY F 97 26.53 -4.95 -17.14
C GLY F 97 26.54 -4.18 -18.45
N PHE F 98 27.68 -3.60 -18.79
CA PHE F 98 27.82 -2.77 -19.98
C PHE F 98 28.17 -3.65 -21.18
N SER F 99 27.38 -3.53 -22.24
CA SER F 99 27.51 -4.39 -23.42
C SER F 99 28.66 -3.90 -24.29
N TRP F 100 29.86 -4.43 -24.02
CA TRP F 100 31.01 -4.10 -24.86
C TRP F 100 31.07 -4.98 -26.10
N SER F 101 30.73 -6.26 -25.95
CA SER F 101 30.80 -7.20 -27.05
C SER F 101 29.56 -7.12 -27.92
N PHE F 102 29.74 -7.07 -29.24
CA PHE F 102 28.61 -7.09 -30.16
C PHE F 102 27.96 -8.46 -30.24
N GLY F 103 28.57 -9.48 -29.68
CA GLY F 103 28.00 -10.81 -29.68
C GLY F 103 28.54 -11.69 -30.79
N GLY F 104 27.75 -12.70 -31.12
CA GLY F 104 28.10 -13.62 -32.17
C GLY F 104 27.97 -13.01 -33.55
N ALA F 105 27.74 -13.85 -34.56
CA ALA F 105 27.61 -13.36 -35.93
C ALA F 105 26.78 -14.38 -36.70
N THR F 106 25.57 -14.00 -37.09
CA THR F 106 24.70 -14.86 -37.86
C THR F 106 25.02 -14.67 -39.34
N ARG F 107 25.66 -15.65 -39.95
CA ARG F 107 26.01 -15.60 -41.36
C ARG F 107 24.81 -16.04 -42.19
N LEU F 108 24.19 -15.10 -42.88
CA LEU F 108 22.99 -15.37 -43.66
C LEU F 108 23.35 -15.59 -45.12
N THR F 109 22.97 -16.74 -45.66
CA THR F 109 23.11 -17.03 -47.08
C THR F 109 21.72 -17.26 -47.67
N VAL F 110 21.49 -16.70 -48.85
CA VAL F 110 20.19 -16.75 -49.50
C VAL F 110 20.24 -17.85 -50.55
N LEU F 111 19.50 -18.93 -50.32
CA LEU F 111 19.47 -20.06 -51.24
C LEU F 111 18.55 -19.75 -52.43
N GLY F 112 18.67 -20.57 -53.46
CA GLY F 112 17.84 -20.43 -54.64
C GLY F 112 18.13 -19.22 -55.50
N GLN F 113 19.39 -18.84 -55.62
CA GLN F 113 19.73 -17.74 -56.50
C GLN F 113 20.05 -18.28 -57.89
N PRO F 114 19.87 -17.45 -58.93
CA PRO F 114 20.12 -17.92 -60.29
C PRO F 114 21.60 -18.23 -60.52
N LYS F 115 21.86 -19.39 -61.12
CA LYS F 115 23.22 -19.75 -61.50
C LYS F 115 23.71 -18.85 -62.63
N ALA F 116 24.95 -18.39 -62.52
CA ALA F 116 25.54 -17.47 -63.48
C ALA F 116 26.92 -17.97 -63.89
N ALA F 117 27.14 -18.08 -65.21
CA ALA F 117 28.41 -18.53 -65.74
C ALA F 117 29.43 -17.39 -65.73
N PRO F 118 30.72 -17.71 -65.61
CA PRO F 118 31.74 -16.67 -65.49
C PRO F 118 32.01 -15.97 -66.80
N SER F 119 32.75 -14.88 -66.71
CA SER F 119 33.21 -14.09 -67.85
C SER F 119 34.73 -14.00 -67.75
N VAL F 120 35.41 -14.95 -68.38
CA VAL F 120 36.87 -15.04 -68.28
C VAL F 120 37.50 -14.05 -69.24
N THR F 121 38.61 -13.43 -68.82
CA THR F 121 39.36 -12.51 -69.65
C THR F 121 40.84 -12.66 -69.34
N LEU F 122 41.62 -13.10 -70.32
CA LEU F 122 43.03 -13.40 -70.15
C LEU F 122 43.87 -12.38 -70.88
N PHE F 123 44.89 -11.84 -70.19
CA PHE F 123 45.78 -10.86 -70.78
C PHE F 123 47.20 -11.42 -70.91
N PRO F 124 47.88 -11.12 -72.01
CA PRO F 124 49.27 -11.57 -72.17
C PRO F 124 50.21 -10.66 -71.40
N PRO F 125 51.47 -11.06 -71.21
CA PRO F 125 52.43 -10.18 -70.52
C PRO F 125 52.65 -8.90 -71.30
N SER F 126 52.56 -7.78 -70.60
CA SER F 126 52.75 -6.48 -71.23
C SER F 126 54.18 -6.31 -71.71
N SER F 127 54.37 -5.36 -72.63
CA SER F 127 55.70 -5.13 -73.18
C SER F 127 56.63 -4.53 -72.13
N GLU F 128 56.14 -3.57 -71.36
CA GLU F 128 56.97 -2.93 -70.34
C GLU F 128 57.39 -3.93 -69.28
N GLU F 129 56.52 -4.88 -68.94
CA GLU F 129 56.87 -5.92 -67.98
C GLU F 129 57.95 -6.84 -68.55
N LEU F 130 57.78 -7.26 -69.81
CA LEU F 130 58.81 -8.06 -70.47
C LEU F 130 60.12 -7.30 -70.58
N GLN F 131 60.05 -5.98 -70.78
CA GLN F 131 61.26 -5.16 -70.78
C GLN F 131 61.97 -5.21 -69.44
N ALA F 132 61.21 -5.43 -68.36
CA ALA F 132 61.77 -5.57 -67.02
C ALA F 132 62.18 -7.00 -66.71
N ASN F 133 62.30 -7.85 -67.73
CA ASN F 133 62.73 -9.25 -67.58
C ASN F 133 61.79 -10.04 -66.67
N LYS F 134 60.51 -9.68 -66.67
CA LYS F 134 59.49 -10.43 -65.93
C LYS F 134 58.25 -10.55 -66.81
N ALA F 135 57.44 -11.57 -66.53
CA ALA F 135 56.26 -11.81 -67.34
C ALA F 135 55.17 -12.45 -66.49
N THR F 136 53.96 -11.89 -66.56
CA THR F 136 52.83 -12.36 -65.76
C THR F 136 51.60 -12.50 -66.64
N LEU F 137 51.00 -13.69 -66.62
CA LEU F 137 49.70 -13.92 -67.24
C LEU F 137 48.62 -13.74 -66.18
N VAL F 138 47.59 -12.96 -66.51
CA VAL F 138 46.51 -12.67 -65.58
C VAL F 138 45.20 -13.21 -66.17
N CYS F 139 44.45 -13.95 -65.34
CA CYS F 139 43.18 -14.52 -65.74
C CYS F 139 42.11 -13.96 -64.82
N LEU F 140 41.20 -13.16 -65.40
CA LEU F 140 40.22 -12.41 -64.62
C LEU F 140 38.84 -13.03 -64.82
N ILE F 141 38.25 -13.50 -63.72
CA ILE F 141 36.96 -14.17 -63.72
C ILE F 141 35.97 -13.32 -62.96
N SER F 142 34.75 -13.20 -63.47
CA SER F 142 33.77 -12.30 -62.87
C SER F 142 32.37 -12.76 -63.25
N ASP F 143 31.38 -12.22 -62.51
CA ASP F 143 29.96 -12.38 -62.80
C ASP F 143 29.51 -13.85 -62.77
N PHE F 144 30.08 -14.61 -61.84
CA PHE F 144 29.72 -16.02 -61.69
C PHE F 144 29.08 -16.27 -60.33
N TYR F 145 28.09 -17.17 -60.32
CA TYR F 145 27.38 -17.62 -59.14
C TYR F 145 27.00 -19.07 -59.37
N PRO F 146 27.16 -19.95 -58.37
CA PRO F 146 27.68 -19.69 -57.03
C PRO F 146 29.18 -19.39 -57.00
N GLY F 147 29.60 -18.60 -56.02
CA GLY F 147 30.97 -18.13 -55.94
C GLY F 147 31.97 -19.20 -55.60
N ALA F 148 32.32 -20.03 -56.58
CA ALA F 148 33.38 -21.02 -56.41
C ALA F 148 33.79 -21.50 -57.79
N VAL F 149 35.07 -21.32 -58.14
CA VAL F 149 35.61 -21.74 -59.42
C VAL F 149 36.94 -22.42 -59.19
N THR F 150 37.42 -23.10 -60.23
CA THR F 150 38.73 -23.74 -60.24
C THR F 150 39.48 -23.29 -61.49
N VAL F 151 40.70 -22.81 -61.32
CA VAL F 151 41.52 -22.37 -62.44
C VAL F 151 42.53 -23.47 -62.76
N ALA F 152 42.94 -23.50 -64.03
CA ALA F 152 43.92 -24.48 -64.50
C ALA F 152 44.75 -23.82 -65.59
N TRP F 153 46.05 -23.72 -65.35
CA TRP F 153 46.98 -23.10 -66.30
C TRP F 153 47.73 -24.18 -67.04
N LYS F 154 47.80 -24.05 -68.37
CA LYS F 154 48.49 -25.01 -69.22
C LYS F 154 49.44 -24.27 -70.15
N ALA F 155 50.69 -24.72 -70.19
CA ALA F 155 51.63 -24.30 -71.21
C ALA F 155 51.45 -25.20 -72.43
N ASP F 156 51.05 -24.63 -73.56
CA ASP F 156 50.59 -25.39 -74.71
C ASP F 156 49.48 -26.34 -74.28
N SER F 157 49.76 -27.64 -74.24
CA SER F 157 48.81 -28.62 -73.73
C SER F 157 49.19 -29.19 -72.38
N SER F 158 50.47 -29.11 -71.99
CA SER F 158 50.92 -29.64 -70.71
C SER F 158 50.50 -28.71 -69.58
N PRO F 159 50.14 -29.25 -68.42
CA PRO F 159 49.71 -28.41 -67.31
C PRO F 159 50.88 -27.62 -66.72
N VAL F 160 50.53 -26.55 -66.02
CA VAL F 160 51.50 -25.70 -65.32
C VAL F 160 50.87 -25.28 -64.01
N LYS F 161 51.47 -25.69 -62.89
CA LYS F 161 51.00 -25.31 -61.57
C LYS F 161 52.03 -24.56 -60.76
N ALA F 162 53.29 -24.49 -61.20
CA ALA F 162 54.34 -23.79 -60.48
C ALA F 162 54.34 -22.34 -60.93
N GLY F 163 53.94 -21.44 -60.04
CA GLY F 163 53.90 -20.02 -60.33
C GLY F 163 52.53 -19.41 -60.43
N VAL F 164 51.48 -20.09 -59.99
CA VAL F 164 50.11 -19.61 -60.10
C VAL F 164 49.67 -19.06 -58.74
N GLU F 165 48.91 -17.97 -58.78
CA GLU F 165 48.32 -17.37 -57.58
C GLU F 165 46.87 -17.02 -57.91
N THR F 166 45.94 -17.57 -57.14
CA THR F 166 44.51 -17.40 -57.39
C THR F 166 43.83 -16.78 -56.18
N THR F 167 42.85 -15.93 -56.45
CA THR F 167 42.08 -15.26 -55.40
C THR F 167 40.87 -16.11 -55.01
N THR F 168 40.61 -16.17 -53.71
CA THR F 168 39.34 -16.71 -53.27
C THR F 168 38.21 -15.78 -53.73
N PRO F 169 37.07 -16.33 -54.15
CA PRO F 169 36.02 -15.50 -54.75
C PRO F 169 35.57 -14.38 -53.83
N SER F 170 35.11 -13.28 -54.44
CA SER F 170 34.69 -12.10 -53.71
C SER F 170 33.39 -11.59 -54.32
N LYS F 171 32.41 -11.32 -53.46
CA LYS F 171 31.12 -10.83 -53.94
C LYS F 171 31.25 -9.45 -54.56
N GLN F 172 30.57 -9.24 -55.68
CA GLN F 172 30.58 -7.96 -56.37
C GLN F 172 29.38 -7.12 -55.93
N SER F 173 29.31 -5.90 -56.46
CA SER F 173 28.18 -5.03 -56.15
C SER F 173 26.87 -5.54 -56.74
N ASN F 174 26.93 -6.37 -57.77
CA ASN F 174 25.74 -6.96 -58.37
C ASN F 174 25.44 -8.35 -57.83
N ASN F 175 25.92 -8.65 -56.62
CA ASN F 175 25.67 -9.90 -55.90
C ASN F 175 26.24 -11.12 -56.61
N LYS F 176 27.16 -10.93 -57.55
CA LYS F 176 27.91 -12.01 -58.19
C LYS F 176 29.34 -11.99 -57.67
N TYR F 177 30.14 -12.96 -58.11
CA TYR F 177 31.47 -13.17 -57.56
C TYR F 177 32.54 -12.93 -58.62
N ALA F 178 33.75 -12.66 -58.14
CA ALA F 178 34.89 -12.36 -59.00
C ALA F 178 36.14 -13.00 -58.42
N ALA F 179 37.02 -13.49 -59.29
CA ALA F 179 38.27 -14.10 -58.87
C ALA F 179 39.34 -13.78 -59.91
N SER F 180 40.59 -13.74 -59.44
CA SER F 180 41.74 -13.41 -60.29
C SER F 180 42.80 -14.49 -60.14
N SER F 181 43.48 -14.80 -61.24
CA SER F 181 44.56 -15.79 -61.24
C SER F 181 45.76 -15.21 -61.97
N TYR F 182 46.93 -15.35 -61.36
CA TYR F 182 48.18 -14.78 -61.86
C TYR F 182 49.20 -15.89 -62.02
N LEU F 183 49.63 -16.11 -63.26
CA LEU F 183 50.69 -17.08 -63.55
C LEU F 183 51.98 -16.31 -63.82
N SER F 184 52.95 -16.44 -62.92
CA SER F 184 54.24 -15.80 -63.08
C SER F 184 55.21 -16.75 -63.76
N LEU F 185 55.95 -16.22 -64.73
CA LEU F 185 56.93 -17.01 -65.46
C LEU F 185 57.99 -16.08 -66.03
N THR F 186 59.16 -16.66 -66.29
CA THR F 186 60.24 -15.89 -66.88
C THR F 186 59.90 -15.53 -68.33
N PRO F 187 60.41 -14.39 -68.83
CA PRO F 187 60.06 -13.99 -70.20
C PRO F 187 60.52 -14.98 -71.25
N MET F 188 61.49 -15.84 -70.93
CA MET F 188 61.91 -16.87 -71.89
C MET F 188 60.88 -17.98 -71.98
N GLN F 189 60.29 -18.36 -70.85
CA GLN F 189 59.24 -19.37 -70.87
C GLN F 189 57.97 -18.87 -71.55
N TRP F 190 57.85 -17.57 -71.75
CA TRP F 190 56.73 -17.00 -72.51
C TRP F 190 56.98 -17.00 -74.00
N LYS F 191 58.24 -16.86 -74.43
CA LYS F 191 58.57 -16.90 -75.84
C LYS F 191 58.76 -18.34 -76.33
N MET F 192 59.42 -19.17 -75.52
CA MET F 192 59.76 -20.53 -75.94
C MET F 192 58.56 -21.45 -76.02
N HIS F 193 57.40 -21.04 -75.50
CA HIS F 193 56.19 -21.84 -75.59
C HIS F 193 55.27 -21.31 -76.68
N LYS F 194 54.38 -22.18 -77.15
CA LYS F 194 53.52 -21.82 -78.28
C LYS F 194 52.31 -21.01 -77.82
N SER F 195 51.61 -21.48 -76.79
CA SER F 195 50.46 -20.77 -76.26
C SER F 195 50.25 -21.12 -74.80
N TYR F 196 49.59 -20.23 -74.08
CA TYR F 196 49.23 -20.44 -72.69
C TYR F 196 47.71 -20.32 -72.54
N SER F 197 47.13 -21.18 -71.72
CA SER F 197 45.69 -21.23 -71.54
C SER F 197 45.35 -21.16 -70.06
N CYS F 198 44.17 -20.60 -69.77
CA CYS F 198 43.60 -20.52 -68.44
C CYS F 198 42.23 -21.18 -68.47
N GLN F 199 42.11 -22.36 -67.85
CA GLN F 199 40.86 -23.09 -67.81
C GLN F 199 40.11 -22.77 -66.53
N VAL F 200 38.90 -22.23 -66.66
CA VAL F 200 38.09 -21.82 -65.52
C VAL F 200 36.88 -22.74 -65.46
N THR F 201 36.89 -23.67 -64.51
CA THR F 201 35.80 -24.62 -64.33
C THR F 201 34.86 -24.12 -63.23
N HIS F 202 33.60 -23.91 -63.58
CA HIS F 202 32.60 -23.38 -62.66
C HIS F 202 31.35 -24.26 -62.72
N GLU F 203 30.90 -24.72 -61.56
CA GLU F 203 29.77 -25.65 -61.45
C GLU F 203 30.12 -26.89 -62.26
N GLY F 204 29.33 -27.26 -63.26
CA GLY F 204 29.63 -28.48 -63.99
C GLY F 204 30.50 -28.27 -65.22
N SER F 205 30.58 -27.04 -65.70
CA SER F 205 31.22 -26.74 -66.97
C SER F 205 32.62 -26.17 -66.76
N THR F 206 33.40 -26.16 -67.85
CA THR F 206 34.71 -25.53 -67.88
C THR F 206 34.79 -24.61 -69.09
N VAL F 207 35.39 -23.45 -68.88
CA VAL F 207 35.59 -22.46 -69.93
C VAL F 207 37.08 -22.19 -70.06
N GLU F 208 37.56 -22.09 -71.29
CA GLU F 208 38.97 -21.86 -71.56
C GLU F 208 39.15 -20.59 -72.36
N LYS F 209 40.14 -19.80 -71.95
CA LYS F 209 40.63 -18.66 -72.72
C LYS F 209 42.12 -18.81 -72.87
N THR F 210 42.62 -18.68 -74.09
CA THR F 210 44.02 -18.93 -74.39
C THR F 210 44.66 -17.68 -74.98
N VAL F 211 45.99 -17.61 -74.84
CA VAL F 211 46.76 -16.48 -75.36
C VAL F 211 48.11 -17.01 -75.80
N ALA F 212 48.69 -16.34 -76.81
CA ALA F 212 49.96 -16.74 -77.39
C ALA F 212 50.72 -15.50 -77.81
N PRO F 213 52.06 -15.53 -77.75
CA PRO F 213 52.84 -14.36 -78.17
C PRO F 213 52.86 -14.17 -79.68
N THR F 214 51.98 -13.30 -80.17
CA THR F 214 51.93 -12.99 -81.60
C THR F 214 51.84 -11.48 -81.83
#